data_1K5M
#
_entry.id   1K5M
#
_cell.length_a   318.9
_cell.length_b   349.3
_cell.length_c   368.4
_cell.angle_alpha   90.00
_cell.angle_beta   90.00
_cell.angle_gamma   90.00
#
_symmetry.space_group_name_H-M   'I 2 2 2'
#
loop_
_entity.id
_entity.type
_entity.pdbx_description
1 polymer 'COAT PROTEIN VP1 (P1D)'
2 polymer 'CHIMERA OF HRV14 COAT PROTEIN VP2 (P1B) AND the V3 loop of HIV-1 gp120'
3 polymer 'COAT PROTEIN VP3 (P1C)'
4 polymer 'COAT PROTEIN VP4 (P1A)'
5 non-polymer SPHINGOSINE
6 water water
#
loop_
_entity_poly.entity_id
_entity_poly.type
_entity_poly.pdbx_seq_one_letter_code
_entity_poly.pdbx_strand_id
1 'polypeptide(L)'
;GLGDELEEVIVEKTKQTVASISSGPKHTQKVPILTANETGATMPVLPSDSIETRTTYMHFNGSETDVECFLGRAACVHVT
EIQNKDATGIDNHREAKLFNDWKINLSSLVQLRKKLELFTYVRFDSEYTILATASQPDSANYSSNLVVQAMYVPPGAPNP
KEWDDYTWQSASNPSVFFKVGDTSRFSVPYVGLASAYNCFYDGYSHDDAETQYGITVLNHMGSMAFRIVNEHDEHKTLVK
IRVYHRAKHVEAWIPRAPRALPYTSIGRTNYPKNTEPVIKKRKGDIKSY
;
A
2 'polypeptide(L)'
;SPNVEACGYSDRVQQITLGNSTITTQEAANAVVCYAEWPEYLPDVDASDVNKTSKPDTSVCRFYTLDSKTWTTGSKGWCW
KLPDALKDMGVFGQNMFFHSLGRSGYTVHVQCNATKFHSGCLLVVVIPEHQLASHEGGNVSVKYTFTHPGERGIDLSSAA
DTIGPGRAFYTTKNNEVGGPVKDVIYNMNGTLLGNLLIFPHQFINLRTNNTATIVIPYINSVPIDSMTRHNNVSLMVIPI
APLTVPTGATPSLPITVTIAPMCTEFSGIRSKSIVPQ
;
B
3 'polypeptide(L)'
;GLPTTTLPGSGQFLTTDDRQSPSALPNYEPTPRIHIPGKVHNLLEIIQVDTLIPMNNTHTKDEVNSYLIPLNANRQNEQV
FGTNLFIGDGVFKTTLLGEIVQYYTHWSGSLRFSLMYTGPALSSAKLILAYTPPGARGPQDRREAMLGTHVVWDIGLQST
IVMTIPWTSGVQFRYTDPDTYTSAGFLSCWYQTSLILPPETTGQVYLLSFISACPDFKLRLMKDTQTISQTVALTE
;
C
4 'polypeptide(L)' GAQVSTQKSGSHENQNILTNGSNQTFTVINYYKDAASTSSAGQSLSMDPSKFTEPVKDLMLKGAPALN D
#
loop_
_chem_comp.id
_chem_comp.type
_chem_comp.name
_chem_comp.formula
SPH non-polymer SPHINGOSINE 'C18 H37 N O2'
#
# COMPACT_ATOMS: atom_id res chain seq x y z
N GLU A 7 -13.07 -24.80 8.10
CA GLU A 7 -11.92 -24.11 8.73
C GLU A 7 -12.29 -22.97 9.67
N GLU A 8 -13.04 -23.30 10.73
CA GLU A 8 -13.46 -22.27 11.71
C GLU A 8 -12.40 -22.04 12.82
N VAL A 9 -12.60 -21.00 13.63
CA VAL A 9 -11.58 -20.52 14.56
C VAL A 9 -11.48 -21.03 16.04
N ILE A 10 -12.48 -21.73 16.56
CA ILE A 10 -12.41 -22.14 18.00
C ILE A 10 -12.86 -23.58 18.39
N VAL A 11 -12.05 -24.22 19.25
CA VAL A 11 -12.34 -25.57 19.80
C VAL A 11 -11.77 -25.69 21.26
N GLU A 12 -12.37 -26.57 22.06
CA GLU A 12 -12.03 -26.70 23.50
C GLU A 12 -10.62 -27.17 23.93
N LYS A 13 -10.12 -28.25 23.32
CA LYS A 13 -8.82 -28.83 23.71
C LYS A 13 -7.61 -27.84 23.62
N THR A 14 -6.93 -27.64 24.75
CA THR A 14 -5.72 -26.78 24.85
C THR A 14 -5.94 -25.32 24.39
N LYS A 15 -7.20 -24.88 24.28
CA LYS A 15 -7.53 -23.55 23.74
C LYS A 15 -7.01 -23.52 22.29
N GLN A 16 -7.30 -24.60 21.56
CA GLN A 16 -6.84 -24.75 20.19
C GLN A 16 -7.78 -24.20 19.15
N THR A 17 -7.20 -23.51 18.18
CA THR A 17 -7.94 -22.98 17.06
C THR A 17 -7.82 -23.99 15.92
N VAL A 18 -8.93 -24.30 15.27
CA VAL A 18 -8.89 -25.27 14.17
C VAL A 18 -8.52 -24.63 12.84
N ALA A 19 -7.57 -25.27 12.14
CA ALA A 19 -7.12 -24.78 10.85
C ALA A 19 -8.06 -25.24 9.75
N SER A 20 -8.60 -26.45 9.91
CA SER A 20 -9.52 -27.00 8.93
C SER A 20 -10.48 -27.96 9.61
N ILE A 21 -11.73 -27.96 9.17
CA ILE A 21 -12.73 -28.83 9.73
C ILE A 21 -12.88 -30.08 8.90
N SER A 22 -13.48 -31.10 9.48
CA SER A 22 -13.74 -32.32 8.77
C SER A 22 -14.93 -32.07 7.84
N SER A 23 -14.71 -32.14 6.55
CA SER A 23 -15.77 -31.89 5.56
C SER A 23 -15.81 -33.01 4.51
N GLY A 24 -16.99 -33.59 4.33
CA GLY A 24 -17.15 -34.69 3.39
C GLY A 24 -17.65 -34.29 2.01
N PRO A 25 -18.19 -35.25 1.24
CA PRO A 25 -18.71 -34.97 -0.11
C PRO A 25 -19.87 -33.97 -0.06
N LYS A 26 -20.09 -33.28 -1.17
CA LYS A 26 -21.16 -32.29 -1.25
C LYS A 26 -21.89 -32.36 -2.59
N HIS A 27 -23.15 -31.98 -2.57
CA HIS A 27 -23.98 -31.89 -3.76
C HIS A 27 -25.11 -30.94 -3.38
N THR A 28 -24.84 -29.64 -3.47
CA THR A 28 -25.79 -28.64 -3.02
C THR A 28 -26.02 -27.52 -3.99
N GLN A 29 -26.99 -26.67 -3.65
CA GLN A 29 -27.29 -25.49 -4.42
C GLN A 29 -26.55 -24.31 -3.82
N LYS A 30 -25.93 -24.53 -2.65
CA LYS A 30 -25.11 -23.50 -2.01
C LYS A 30 -23.70 -23.65 -2.55
N VAL A 31 -23.31 -22.75 -3.44
CA VAL A 31 -22.00 -22.82 -4.08
C VAL A 31 -21.06 -21.73 -3.59
N PRO A 32 -20.25 -22.04 -2.56
CA PRO A 32 -19.31 -21.07 -1.99
C PRO A 32 -18.14 -20.67 -2.91
N ILE A 33 -17.79 -21.49 -3.89
CA ILE A 33 -16.65 -21.19 -4.76
C ILE A 33 -16.95 -20.28 -5.95
N LEU A 34 -18.21 -19.93 -6.11
CA LEU A 34 -18.62 -18.99 -7.17
C LEU A 34 -18.94 -17.67 -6.52
N THR A 35 -18.47 -16.58 -7.11
CA THR A 35 -18.73 -15.26 -6.58
C THR A 35 -18.56 -14.20 -7.64
N ALA A 36 -18.49 -12.94 -7.22
CA ALA A 36 -18.32 -11.82 -8.13
C ALA A 36 -17.28 -10.86 -7.58
N ASN A 37 -16.08 -10.89 -8.16
CA ASN A 37 -15.00 -10.02 -7.69
C ASN A 37 -15.20 -8.56 -8.03
N GLU A 38 -16.19 -8.26 -8.86
CA GLU A 38 -16.47 -6.88 -9.21
C GLU A 38 -17.04 -6.10 -8.03
N THR A 39 -17.50 -6.82 -7.00
CA THR A 39 -18.04 -6.17 -5.81
C THR A 39 -16.93 -5.53 -4.98
N GLY A 40 -15.70 -5.96 -5.20
CA GLY A 40 -14.57 -5.44 -4.46
C GLY A 40 -14.33 -6.19 -3.17
N ALA A 41 -15.05 -7.30 -2.98
CA ALA A 41 -14.89 -8.12 -1.79
C ALA A 41 -14.15 -9.42 -2.08
N THR A 42 -13.47 -9.96 -1.08
CA THR A 42 -12.77 -11.23 -1.19
C THR A 42 -13.47 -12.20 -0.25
N MET A 43 -14.30 -13.08 -0.81
CA MET A 43 -15.01 -14.06 0.03
C MET A 43 -14.04 -14.97 0.75
N PRO A 44 -14.27 -15.21 2.05
CA PRO A 44 -13.43 -16.07 2.89
C PRO A 44 -13.60 -17.57 2.58
N VAL A 45 -13.26 -17.96 1.36
CA VAL A 45 -13.36 -19.35 0.93
C VAL A 45 -12.23 -20.19 1.54
N LEU A 46 -12.61 -21.29 2.20
CA LEU A 46 -11.65 -22.20 2.83
C LEU A 46 -11.52 -23.46 1.99
N PRO A 47 -10.51 -24.29 2.28
CA PRO A 47 -10.34 -25.54 1.52
C PRO A 47 -11.54 -26.49 1.66
N SER A 48 -12.20 -26.46 2.83
CA SER A 48 -13.37 -27.32 3.06
C SER A 48 -14.55 -26.93 2.16
N ASP A 49 -14.39 -25.84 1.40
CA ASP A 49 -15.43 -25.41 0.48
C ASP A 49 -15.25 -26.02 -0.92
N SER A 50 -14.08 -26.58 -1.19
CA SER A 50 -13.81 -27.14 -2.53
C SER A 50 -13.29 -28.59 -2.56
N ILE A 51 -12.77 -29.07 -1.43
CA ILE A 51 -12.29 -30.44 -1.38
C ILE A 51 -12.70 -31.05 -0.07
N GLU A 52 -12.56 -32.36 0.04
CA GLU A 52 -12.86 -33.05 1.30
C GLU A 52 -11.68 -32.88 2.24
N THR A 53 -11.96 -32.40 3.44
CA THR A 53 -10.90 -32.11 4.38
C THR A 53 -11.01 -32.87 5.68
N ARG A 54 -9.89 -32.96 6.38
CA ARG A 54 -9.85 -33.60 7.69
C ARG A 54 -9.70 -32.47 8.70
N THR A 55 -9.74 -32.81 9.98
CA THR A 55 -9.60 -31.80 11.04
C THR A 55 -8.12 -31.57 11.39
N THR A 56 -7.73 -30.31 11.43
CA THR A 56 -6.36 -29.92 11.83
C THR A 56 -6.42 -28.68 12.73
N TYR A 57 -5.41 -28.50 13.55
CA TYR A 57 -5.36 -27.36 14.45
C TYR A 57 -4.26 -26.38 14.05
N MET A 58 -4.48 -25.10 14.36
CA MET A 58 -3.52 -24.06 14.01
C MET A 58 -2.20 -24.17 14.74
N HIS A 59 -2.25 -24.27 16.08
CA HIS A 59 -1.03 -24.28 16.92
C HIS A 59 -0.22 -23.03 16.55
N PHE A 60 -0.90 -21.92 16.31
CA PHE A 60 -0.24 -20.71 15.83
C PHE A 60 -1.09 -19.48 16.14
N ASN A 61 -0.46 -18.44 16.67
CA ASN A 61 -1.19 -17.21 17.02
C ASN A 61 -0.97 -16.07 16.03
N GLY A 62 0.15 -16.14 15.30
CA GLY A 62 0.46 -15.08 14.34
C GLY A 62 1.08 -13.85 14.99
N SER A 63 1.84 -14.07 16.06
CA SER A 63 2.47 -12.97 16.79
C SER A 63 3.59 -12.25 16.03
N GLU A 64 4.31 -12.98 15.18
CA GLU A 64 5.43 -12.40 14.45
C GLU A 64 5.01 -11.49 13.29
N THR A 65 3.73 -11.54 12.91
CA THR A 65 3.22 -10.70 11.84
C THR A 65 2.43 -9.49 12.36
N ASP A 66 2.42 -9.34 13.68
CA ASP A 66 1.79 -8.19 14.31
C ASP A 66 2.61 -6.97 13.93
N VAL A 67 1.95 -5.85 13.65
CA VAL A 67 2.66 -4.62 13.24
C VAL A 67 3.68 -4.19 14.29
N GLU A 68 3.46 -4.58 15.54
CA GLU A 68 4.40 -4.24 16.61
C GLU A 68 5.74 -4.90 16.35
N CYS A 69 5.70 -6.14 15.91
CA CYS A 69 6.89 -6.90 15.64
C CYS A 69 7.50 -6.52 14.28
N PHE A 70 6.64 -6.33 13.29
CA PHE A 70 7.09 -6.00 11.95
C PHE A 70 7.92 -4.72 11.88
N LEU A 71 7.52 -3.69 12.62
CA LEU A 71 8.24 -2.43 12.63
C LEU A 71 9.01 -2.28 13.93
N GLY A 72 9.03 -3.34 14.72
CA GLY A 72 9.64 -3.26 16.04
C GLY A 72 11.10 -3.68 16.20
N ARG A 73 11.88 -3.68 15.13
CA ARG A 73 13.31 -4.00 15.25
C ARG A 73 14.16 -2.86 14.75
N ALA A 74 15.36 -2.73 15.32
CA ALA A 74 16.27 -1.65 14.95
C ALA A 74 16.73 -1.72 13.51
N ALA A 75 16.69 -0.60 12.81
CA ALA A 75 17.14 -0.54 11.41
C ALA A 75 18.01 0.70 11.24
N CYS A 76 19.07 0.56 10.46
CA CYS A 76 19.96 1.68 10.20
C CYS A 76 19.23 2.72 9.36
N VAL A 77 19.16 3.95 9.86
CA VAL A 77 18.48 5.01 9.15
C VAL A 77 19.42 6.11 8.66
N HIS A 78 20.68 6.07 9.10
CA HIS A 78 21.63 7.09 8.69
C HIS A 78 23.08 6.76 9.04
N VAL A 79 23.99 7.16 8.17
CA VAL A 79 25.41 7.01 8.39
C VAL A 79 26.05 8.33 8.05
N THR A 80 26.64 8.97 9.05
CA THR A 80 27.28 10.25 8.87
C THR A 80 28.76 10.13 9.20
N GLU A 81 29.50 11.20 8.95
CA GLU A 81 30.94 11.17 9.14
C GLU A 81 31.46 12.48 9.75
N ILE A 82 32.24 12.38 10.82
CA ILE A 82 32.89 13.56 11.42
C ILE A 82 34.39 13.31 11.59
N GLN A 83 35.16 14.38 11.72
CA GLN A 83 36.61 14.26 11.82
C GLN A 83 37.19 14.99 12.99
N ASN A 84 38.35 14.54 13.43
CA ASN A 84 39.10 15.21 14.46
C ASN A 84 40.46 15.54 13.85
N LYS A 85 40.67 16.82 13.60
CA LYS A 85 41.92 17.30 13.01
C LYS A 85 42.11 18.77 13.38
N ASP A 86 43.22 19.36 12.96
CA ASP A 86 43.51 20.76 13.28
C ASP A 86 42.42 21.71 12.74
N ALA A 87 41.83 22.51 13.64
CA ALA A 87 40.75 23.44 13.28
C ALA A 87 41.25 24.79 12.76
N THR A 88 42.56 25.03 12.89
CA THR A 88 43.16 26.30 12.45
C THR A 88 43.12 26.49 10.92
N GLY A 89 42.72 27.69 10.49
CA GLY A 89 42.67 28.00 9.07
C GLY A 89 41.35 27.68 8.39
N ILE A 90 40.55 26.81 9.00
CA ILE A 90 39.26 26.40 8.43
C ILE A 90 38.18 27.46 8.63
N ASP A 91 37.50 27.81 7.54
CA ASP A 91 36.43 28.83 7.59
C ASP A 91 35.03 28.21 7.64
N ASN A 92 34.95 26.91 7.35
CA ASN A 92 33.67 26.19 7.36
C ASN A 92 33.88 24.85 8.08
N HIS A 93 33.54 24.82 9.38
CA HIS A 93 33.73 23.62 10.20
C HIS A 93 32.85 22.45 9.77
N ARG A 94 31.72 22.75 9.13
CA ARG A 94 30.79 21.73 8.68
C ARG A 94 31.31 21.03 7.41
N GLU A 95 31.93 21.80 6.52
CA GLU A 95 32.51 21.26 5.29
C GLU A 95 33.81 20.51 5.58
N ALA A 96 34.46 20.84 6.70
CA ALA A 96 35.69 20.16 7.12
C ALA A 96 35.34 18.91 7.92
N LYS A 97 34.04 18.75 8.22
CA LYS A 97 33.55 17.60 8.94
C LYS A 97 33.91 17.60 10.44
N LEU A 98 34.29 18.75 10.98
CA LEU A 98 34.61 18.86 12.40
C LEU A 98 33.34 18.60 13.21
N PHE A 99 32.20 18.86 12.57
CA PHE A 99 30.91 18.56 13.13
C PHE A 99 29.98 18.37 11.95
N ASN A 100 28.89 17.66 12.16
CA ASN A 100 27.96 17.38 11.08
C ASN A 100 26.55 17.25 11.62
N ASP A 101 25.56 17.66 10.82
CA ASP A 101 24.17 17.57 11.24
C ASP A 101 23.35 16.70 10.30
N TRP A 102 22.38 16.02 10.86
CA TRP A 102 21.53 15.12 10.09
C TRP A 102 20.08 15.58 10.14
N LYS A 103 19.55 16.00 9.00
CA LYS A 103 18.14 16.36 8.91
C LYS A 103 17.34 15.06 9.11
N ILE A 104 16.77 14.92 10.29
CA ILE A 104 16.07 13.71 10.68
C ILE A 104 14.93 13.28 9.76
N ASN A 105 15.01 12.03 9.28
CA ASN A 105 13.98 11.43 8.45
C ASN A 105 14.27 9.94 8.33
N LEU A 106 13.24 9.17 8.05
CA LEU A 106 13.38 7.71 7.90
C LEU A 106 13.24 7.28 6.43
N SER A 107 13.65 8.14 5.50
CA SER A 107 13.50 7.85 4.07
C SER A 107 14.81 7.75 3.31
N SER A 108 15.92 8.00 3.98
CA SER A 108 17.21 7.98 3.32
C SER A 108 17.66 6.57 2.94
N LEU A 109 17.56 5.63 3.88
CA LEU A 109 17.94 4.24 3.62
C LEU A 109 16.69 3.42 3.30
N VAL A 110 16.72 2.74 2.17
CA VAL A 110 15.54 2.07 1.63
C VAL A 110 14.90 0.90 2.35
N GLN A 111 15.67 0.12 3.09
CA GLN A 111 15.11 -1.07 3.76
C GLN A 111 13.96 -0.76 4.70
N LEU A 112 14.17 0.17 5.62
CA LEU A 112 13.12 0.55 6.55
C LEU A 112 12.05 1.37 5.86
N ARG A 113 12.46 2.18 4.89
CA ARG A 113 11.52 3.04 4.19
C ARG A 113 10.41 2.22 3.56
N LYS A 114 10.78 1.12 2.90
CA LYS A 114 9.80 0.27 2.26
C LYS A 114 8.84 -0.36 3.26
N LYS A 115 9.33 -0.72 4.43
CA LYS A 115 8.47 -1.31 5.46
C LYS A 115 7.45 -0.32 5.98
N LEU A 116 7.89 0.91 6.25
CA LEU A 116 7.00 1.94 6.74
C LEU A 116 5.95 2.30 5.70
N GLU A 117 6.38 2.39 4.45
CA GLU A 117 5.49 2.79 3.37
C GLU A 117 4.40 1.78 3.01
N LEU A 118 4.39 0.66 3.70
CA LEU A 118 3.36 -0.34 3.52
C LEU A 118 2.05 0.22 4.10
N PHE A 119 2.17 1.29 4.89
CA PHE A 119 1.01 1.92 5.53
C PHE A 119 0.96 3.39 5.18
N THR A 120 -0.19 4.01 5.39
CA THR A 120 -0.36 5.41 5.09
C THR A 120 -0.06 6.28 6.30
N TYR A 121 -0.62 5.91 7.45
CA TYR A 121 -0.40 6.64 8.70
C TYR A 121 0.17 5.68 9.73
N VAL A 122 1.14 6.15 10.49
CA VAL A 122 1.73 5.34 11.54
C VAL A 122 1.96 6.18 12.77
N ARG A 123 1.73 5.59 13.93
CA ARG A 123 1.94 6.27 15.19
C ARG A 123 2.72 5.34 16.09
N PHE A 124 3.85 5.82 16.59
CA PHE A 124 4.68 5.01 17.45
C PHE A 124 5.70 5.82 18.22
N ASP A 125 6.26 5.21 19.26
CA ASP A 125 7.35 5.81 20.01
C ASP A 125 8.63 5.32 19.36
N SER A 126 9.70 6.08 19.49
CA SER A 126 10.95 5.72 18.87
C SER A 126 12.04 5.37 19.85
N GLU A 127 12.84 4.38 19.50
CA GLU A 127 13.99 4.01 20.29
C GLU A 127 15.20 4.14 19.37
N TYR A 128 16.09 5.07 19.71
CA TYR A 128 17.28 5.31 18.92
C TYR A 128 18.52 4.71 19.53
N THR A 129 19.39 4.19 18.68
CA THR A 129 20.66 3.67 19.10
C THR A 129 21.70 4.24 18.15
N ILE A 130 22.67 4.94 18.72
CA ILE A 130 23.71 5.55 17.93
C ILE A 130 25.05 4.88 18.18
N LEU A 131 25.65 4.36 17.13
CA LEU A 131 26.93 3.69 17.22
C LEU A 131 28.03 4.56 16.56
N ALA A 132 29.11 4.78 17.28
CA ALA A 132 30.22 5.58 16.75
C ALA A 132 31.48 4.75 16.71
N THR A 133 32.14 4.74 15.56
CA THR A 133 33.38 3.99 15.39
C THR A 133 34.43 4.89 14.77
N ALA A 134 35.69 4.58 15.01
CA ALA A 134 36.77 5.40 14.50
C ALA A 134 37.76 4.65 13.62
N SER A 135 38.59 5.40 12.92
CA SER A 135 39.64 4.84 12.08
C SER A 135 40.63 5.94 11.74
N GLN A 136 41.84 5.53 11.41
CA GLN A 136 42.86 6.49 11.02
C GLN A 136 43.51 6.08 9.76
N PRO A 137 43.01 6.61 8.63
CA PRO A 137 43.49 6.33 7.28
C PRO A 137 44.92 6.80 6.99
N ASP A 138 45.38 7.81 7.72
CA ASP A 138 46.72 8.34 7.50
C ASP A 138 47.73 7.91 8.58
N SER A 139 48.86 8.60 8.64
CA SER A 139 49.91 8.29 9.62
C SER A 139 49.47 8.53 11.06
N ALA A 140 49.68 7.56 11.92
CA ALA A 140 49.32 7.68 13.33
C ALA A 140 50.22 6.82 14.21
N ASN A 141 50.62 7.38 15.34
CA ASN A 141 51.45 6.63 16.28
C ASN A 141 50.59 5.86 17.24
N TYR A 142 49.36 6.33 17.44
CA TYR A 142 48.46 5.68 18.38
C TYR A 142 47.03 6.07 18.06
N SER A 143 46.08 5.42 18.70
CA SER A 143 44.68 5.77 18.55
C SER A 143 44.17 6.39 19.83
N SER A 144 43.48 7.49 19.69
CA SER A 144 42.99 8.24 20.84
C SER A 144 41.57 7.87 21.22
N ASN A 145 41.28 7.93 22.51
CA ASN A 145 39.92 7.71 22.99
C ASN A 145 39.19 9.03 22.80
N LEU A 146 38.01 8.98 22.19
CA LEU A 146 37.25 10.18 21.92
C LEU A 146 35.85 10.12 22.48
N VAL A 147 35.28 11.27 22.74
CA VAL A 147 33.91 11.37 23.22
C VAL A 147 33.11 12.13 22.19
N VAL A 148 31.94 11.60 21.87
CA VAL A 148 31.07 12.22 20.90
C VAL A 148 29.87 12.86 21.57
N GLN A 149 29.43 13.99 21.04
CA GLN A 149 28.22 14.62 21.53
C GLN A 149 27.20 14.70 20.42
N ALA A 150 26.04 14.12 20.67
CA ALA A 150 24.92 14.18 19.73
C ALA A 150 23.87 15.09 20.33
N MET A 151 23.60 16.20 19.66
CA MET A 151 22.62 17.17 20.16
C MET A 151 21.42 17.30 19.22
N TYR A 152 20.24 17.23 19.80
CA TYR A 152 19.03 17.39 19.02
C TYR A 152 18.71 18.85 18.86
N VAL A 153 18.68 19.32 17.63
CA VAL A 153 18.36 20.73 17.35
C VAL A 153 16.99 20.82 16.68
N PRO A 154 15.92 20.98 17.49
CA PRO A 154 14.56 21.09 16.96
C PRO A 154 14.44 22.29 16.06
N PRO A 155 13.44 22.31 15.15
CA PRO A 155 13.26 23.46 14.26
C PRO A 155 13.00 24.73 15.09
N GLY A 156 13.78 25.78 14.83
CA GLY A 156 13.64 27.01 15.57
C GLY A 156 14.82 27.25 16.49
N ALA A 157 15.50 26.18 16.90
CA ALA A 157 16.67 26.29 17.76
C ALA A 157 17.87 26.69 16.91
N PRO A 158 18.81 27.47 17.49
CA PRO A 158 20.01 27.91 16.76
C PRO A 158 20.87 26.74 16.26
N ASN A 159 21.28 26.80 15.00
CA ASN A 159 22.13 25.75 14.42
C ASN A 159 23.58 26.02 14.70
N PRO A 160 24.35 24.97 15.03
CA PRO A 160 25.79 25.15 15.30
C PRO A 160 26.51 25.60 14.03
N LYS A 161 27.39 26.58 14.16
CA LYS A 161 28.15 27.07 13.01
C LYS A 161 29.60 26.56 13.11
N GLU A 162 30.06 26.39 14.35
CA GLU A 162 31.41 25.88 14.61
C GLU A 162 31.32 24.71 15.58
N TRP A 163 32.33 23.85 15.59
CA TRP A 163 32.29 22.68 16.46
C TRP A 163 32.37 23.05 17.94
N ASP A 164 32.89 24.24 18.25
CA ASP A 164 32.99 24.68 19.63
C ASP A 164 32.11 25.90 19.92
N ASP A 165 31.01 26.01 19.17
CA ASP A 165 30.00 27.06 19.32
C ASP A 165 29.45 27.14 20.72
N TYR A 166 28.65 28.16 20.95
CA TYR A 166 27.97 28.31 22.24
C TYR A 166 26.74 27.37 22.24
N THR A 167 26.28 26.99 21.05
CA THR A 167 25.11 26.14 20.93
C THR A 167 25.32 24.78 21.59
N TRP A 168 26.56 24.36 21.68
CA TRP A 168 26.85 23.06 22.27
C TRP A 168 26.66 23.01 23.79
N GLN A 169 26.37 24.16 24.40
CA GLN A 169 26.07 24.20 25.84
C GLN A 169 24.85 23.34 26.12
N SER A 170 23.95 23.27 25.14
CA SER A 170 22.75 22.45 25.21
C SER A 170 21.97 22.63 26.51
N ALA A 171 21.71 23.88 26.88
CA ALA A 171 20.98 24.14 28.12
C ALA A 171 19.52 23.65 28.07
N SER A 172 18.91 23.70 26.88
CA SER A 172 17.53 23.25 26.73
C SER A 172 17.39 22.09 25.73
N ASN A 173 18.27 22.05 24.75
CA ASN A 173 18.29 20.96 23.78
C ASN A 173 18.76 19.70 24.45
N PRO A 174 18.11 18.58 24.18
CA PRO A 174 18.61 17.34 24.80
C PRO A 174 19.84 16.85 24.00
N SER A 175 20.85 16.36 24.71
CA SER A 175 22.01 15.80 24.04
C SER A 175 22.63 14.65 24.82
N VAL A 176 23.33 13.77 24.09
CA VAL A 176 23.98 12.60 24.69
C VAL A 176 25.47 12.67 24.48
N PHE A 177 26.22 12.24 25.46
CA PHE A 177 27.66 12.17 25.37
C PHE A 177 28.03 10.73 25.58
N PHE A 178 28.85 10.19 24.69
CA PHE A 178 29.30 8.82 24.83
C PHE A 178 30.63 8.60 24.14
N LYS A 179 31.29 7.50 24.47
CA LYS A 179 32.60 7.19 23.92
C LYS A 179 32.50 6.60 22.52
N VAL A 180 33.48 6.94 21.68
CA VAL A 180 33.59 6.35 20.36
C VAL A 180 33.94 4.89 20.58
N GLY A 181 33.37 4.01 19.78
CA GLY A 181 33.58 2.59 19.97
C GLY A 181 32.43 2.07 20.79
N ASP A 182 31.82 2.95 21.58
CA ASP A 182 30.66 2.61 22.38
C ASP A 182 29.38 2.94 21.66
N THR A 183 28.27 2.88 22.37
CA THR A 183 26.98 3.12 21.78
C THR A 183 26.09 4.02 22.66
N SER A 184 25.08 4.62 22.05
CA SER A 184 24.16 5.51 22.75
C SER A 184 22.72 4.98 22.54
N ARG A 185 21.85 5.18 23.53
CA ARG A 185 20.46 4.70 23.41
C ARG A 185 19.45 5.53 24.20
N PHE A 186 18.37 5.90 23.54
CA PHE A 186 17.33 6.67 24.20
C PHE A 186 15.99 6.53 23.49
N SER A 187 14.91 6.79 24.23
CA SER A 187 13.58 6.72 23.70
C SER A 187 13.07 8.10 23.38
N VAL A 188 12.13 8.17 22.46
CA VAL A 188 11.50 9.42 22.08
C VAL A 188 10.03 9.14 21.93
N PRO A 189 9.18 9.86 22.66
CA PRO A 189 7.74 9.62 22.52
C PRO A 189 7.24 10.12 21.19
N TYR A 190 6.09 9.61 20.75
CA TYR A 190 5.49 10.06 19.51
C TYR A 190 5.48 11.59 19.53
N VAL A 191 6.15 12.21 18.55
CA VAL A 191 6.26 13.67 18.53
C VAL A 191 5.60 14.40 17.36
N GLY A 192 4.70 13.72 16.66
CA GLY A 192 4.02 14.36 15.54
C GLY A 192 3.01 15.42 15.98
N LEU A 193 2.80 16.44 15.14
CA LEU A 193 1.81 17.47 15.46
C LEU A 193 0.41 16.90 15.33
N ALA A 194 0.23 15.99 14.37
CA ALA A 194 -1.05 15.35 14.12
C ALA A 194 -1.21 14.09 15.01
N SER A 195 -2.29 13.37 14.83
CA SER A 195 -2.56 12.16 15.61
C SER A 195 -1.70 10.98 15.16
N ALA A 196 -1.13 11.09 13.96
CA ALA A 196 -0.28 10.04 13.43
C ALA A 196 0.67 10.64 12.40
N TYR A 197 1.81 9.98 12.18
CA TYR A 197 2.76 10.42 11.17
C TYR A 197 2.18 10.08 9.81
N ASN A 198 2.58 10.84 8.80
CA ASN A 198 2.15 10.58 7.44
C ASN A 198 3.29 9.94 6.70
N CYS A 199 3.00 8.85 5.99
CA CYS A 199 4.02 8.22 5.15
C CYS A 199 3.91 8.84 3.77
N PHE A 200 2.74 9.36 3.47
CA PHE A 200 2.47 9.99 2.21
C PHE A 200 1.60 11.19 2.46
N TYR A 201 1.70 12.19 1.60
CA TYR A 201 0.94 13.39 1.74
C TYR A 201 0.65 14.00 0.39
N ASP A 202 -0.61 13.94 -0.03
CA ASP A 202 -1.01 14.49 -1.31
C ASP A 202 -1.40 15.97 -1.17
N GLY A 203 -0.43 16.78 -0.78
CA GLY A 203 -0.69 18.20 -0.60
C GLY A 203 0.57 19.01 -0.76
N TYR A 204 0.43 20.33 -0.78
CA TYR A 204 1.57 21.20 -0.98
C TYR A 204 1.61 22.37 -0.01
N SER A 205 2.62 23.23 -0.17
CA SER A 205 2.81 24.41 0.68
C SER A 205 3.28 25.62 -0.15
N HIS A 206 3.09 26.81 0.39
CA HIS A 206 3.47 28.05 -0.30
C HIS A 206 4.36 28.94 0.55
N ASP A 207 5.47 29.37 -0.03
CA ASP A 207 6.43 30.23 0.66
C ASP A 207 6.56 31.57 -0.08
N ASP A 208 5.68 31.79 -1.06
CA ASP A 208 5.71 32.99 -1.91
C ASP A 208 6.92 32.93 -2.85
N ALA A 209 7.72 31.88 -2.73
CA ALA A 209 8.89 31.70 -3.56
C ALA A 209 8.83 30.38 -4.30
N GLU A 210 8.82 29.28 -3.56
CA GLU A 210 8.78 27.95 -4.17
C GLU A 210 7.60 27.12 -3.66
N THR A 211 7.09 26.25 -4.51
CA THR A 211 5.99 25.35 -4.16
C THR A 211 6.55 23.95 -3.82
N GLN A 212 6.33 23.51 -2.59
CA GLN A 212 6.81 22.19 -2.16
C GLN A 212 5.65 21.20 -2.07
N TYR A 213 5.82 20.03 -2.67
CA TYR A 213 4.78 19.02 -2.72
C TYR A 213 5.23 17.72 -2.07
N GLY A 214 4.30 17.04 -1.41
CA GLY A 214 4.62 15.75 -0.84
C GLY A 214 4.83 15.71 0.66
N ILE A 215 5.30 14.56 1.13
CA ILE A 215 5.53 14.35 2.55
C ILE A 215 6.59 15.29 3.12
N THR A 216 7.42 15.87 2.26
CA THR A 216 8.45 16.82 2.70
C THR A 216 7.81 18.00 3.43
N VAL A 217 6.60 18.35 3.01
CA VAL A 217 5.88 19.44 3.61
C VAL A 217 5.61 19.21 5.11
N LEU A 218 5.38 17.96 5.49
CA LEU A 218 5.08 17.64 6.89
C LEU A 218 6.33 17.23 7.67
N ASN A 219 7.31 16.65 6.99
CA ASN A 219 8.54 16.23 7.66
C ASN A 219 9.37 17.43 8.04
N HIS A 220 9.09 17.98 9.22
CA HIS A 220 9.80 19.13 9.70
C HIS A 220 10.31 18.88 11.12
N MET A 221 10.85 17.69 11.35
CA MET A 221 11.49 17.38 12.62
C MET A 221 12.73 18.27 12.68
N GLY A 222 13.58 18.06 13.65
CA GLY A 222 14.76 18.88 13.71
C GLY A 222 15.95 18.28 12.99
N SER A 223 17.12 18.50 13.55
CA SER A 223 18.34 17.96 13.04
C SER A 223 19.10 17.38 14.20
N MET A 224 20.05 16.52 13.90
CA MET A 224 20.90 15.97 14.92
C MET A 224 22.32 16.44 14.63
N ALA A 225 22.86 17.23 15.53
CA ALA A 225 24.23 17.73 15.38
C ALA A 225 25.22 16.83 16.12
N PHE A 226 26.26 16.39 15.43
CA PHE A 226 27.29 15.52 16.02
C PHE A 226 28.65 16.21 16.01
N ARG A 227 29.46 15.95 17.02
CA ARG A 227 30.80 16.51 17.10
C ARG A 227 31.68 15.69 18.02
N ILE A 228 32.98 15.74 17.78
CA ILE A 228 33.95 15.14 18.67
C ILE A 228 34.25 16.20 19.73
N VAL A 229 34.07 15.87 20.99
CA VAL A 229 34.29 16.84 22.04
C VAL A 229 35.77 17.16 22.22
N ASN A 230 36.64 16.15 22.05
CA ASN A 230 38.08 16.33 22.23
C ASN A 230 38.69 17.29 21.23
N GLU A 231 39.82 17.89 21.61
CA GLU A 231 40.57 18.75 20.70
C GLU A 231 41.40 17.82 19.79
N HIS A 232 42.12 18.39 18.85
CA HIS A 232 42.90 17.60 17.88
C HIS A 232 44.17 16.95 18.45
N ASP A 233 44.57 15.84 17.84
CA ASP A 233 45.83 15.16 18.18
C ASP A 233 46.80 15.42 17.02
N GLU A 234 47.97 14.78 17.04
CA GLU A 234 48.95 14.97 15.98
C GLU A 234 48.48 14.35 14.66
N HIS A 235 47.55 13.41 14.73
CA HIS A 235 47.04 12.72 13.54
C HIS A 235 45.56 13.05 13.29
N LYS A 236 45.03 12.54 12.20
CA LYS A 236 43.63 12.76 11.84
C LYS A 236 42.79 11.51 12.16
N THR A 237 41.62 11.72 12.77
CA THR A 237 40.74 10.60 13.11
C THR A 237 39.40 10.70 12.44
N LEU A 238 39.04 9.64 11.73
CA LEU A 238 37.78 9.55 11.03
C LEU A 238 36.77 8.82 11.93
N VAL A 239 35.65 9.46 12.22
CA VAL A 239 34.60 8.85 13.06
C VAL A 239 33.29 8.70 12.31
N LYS A 240 32.87 7.47 12.07
CA LYS A 240 31.59 7.23 11.41
C LYS A 240 30.53 7.05 12.48
N ILE A 241 29.37 7.67 12.25
CA ILE A 241 28.27 7.58 13.18
C ILE A 241 27.05 6.95 12.53
N ARG A 242 26.58 5.85 13.10
CA ARG A 242 25.43 5.14 12.57
C ARG A 242 24.23 5.26 13.49
N VAL A 243 23.11 5.72 12.95
CA VAL A 243 21.90 5.89 13.73
C VAL A 243 20.91 4.76 13.42
N TYR A 244 20.37 4.16 14.47
CA TYR A 244 19.40 3.08 14.30
C TYR A 244 18.08 3.46 14.92
N HIS A 245 17.01 3.04 14.28
CA HIS A 245 15.68 3.36 14.76
C HIS A 245 14.84 2.11 14.96
N ARG A 246 14.07 2.11 16.03
CA ARG A 246 13.18 1.01 16.35
C ARG A 246 11.84 1.57 16.84
N ALA A 247 10.77 1.19 16.17
CA ALA A 247 9.42 1.64 16.55
C ALA A 247 8.87 0.81 17.71
N LYS A 248 8.19 1.48 18.63
CA LYS A 248 7.57 0.82 19.78
C LYS A 248 6.12 1.28 19.90
N HIS A 249 5.26 0.43 20.47
CA HIS A 249 3.85 0.77 20.66
C HIS A 249 3.27 1.29 19.33
N VAL A 250 3.33 0.43 18.33
CA VAL A 250 2.94 0.79 16.98
C VAL A 250 1.44 0.72 16.68
N GLU A 251 0.98 1.71 15.95
CA GLU A 251 -0.39 1.73 15.43
C GLU A 251 -0.26 2.12 13.95
N ALA A 252 -0.92 1.36 13.07
CA ALA A 252 -0.84 1.63 11.62
C ALA A 252 -2.21 1.68 10.96
N TRP A 253 -2.34 2.51 9.93
CA TRP A 253 -3.61 2.69 9.23
C TRP A 253 -3.45 2.68 7.72
N ILE A 254 -4.49 2.19 7.04
CA ILE A 254 -4.55 2.19 5.58
C ILE A 254 -3.38 1.50 4.89
N PRO A 255 -3.44 0.17 4.73
CA PRO A 255 -2.36 -0.56 4.06
C PRO A 255 -2.27 -0.13 2.58
N ARG A 256 -1.07 -0.18 2.00
CA ARG A 256 -0.87 0.28 0.62
C ARG A 256 -0.21 -0.77 -0.26
N ALA A 257 -0.16 -0.47 -1.55
CA ALA A 257 0.53 -1.31 -2.50
C ALA A 257 2.04 -1.08 -2.26
N PRO A 258 2.78 -2.16 -1.97
CA PRO A 258 4.23 -2.08 -1.71
C PRO A 258 5.03 -1.45 -2.85
N ARG A 259 6.15 -0.82 -2.50
CA ARG A 259 7.02 -0.18 -3.49
C ARG A 259 7.60 -1.24 -4.43
N ALA A 260 7.55 -0.96 -5.73
CA ALA A 260 8.05 -1.90 -6.74
C ALA A 260 9.30 -1.39 -7.43
N LEU A 261 9.36 -0.08 -7.64
CA LEU A 261 10.49 0.53 -8.33
C LEU A 261 11.48 1.17 -7.36
N PRO A 262 12.75 1.30 -7.78
CA PRO A 262 13.76 1.92 -6.91
C PRO A 262 13.44 3.38 -6.63
N TYR A 263 13.91 3.88 -5.50
CA TYR A 263 13.69 5.27 -5.12
C TYR A 263 14.77 6.18 -5.72
N THR A 264 14.51 7.48 -5.77
CA THR A 264 15.49 8.41 -6.28
C THR A 264 15.83 9.51 -5.28
N SER A 265 14.89 9.85 -4.41
CA SER A 265 15.13 10.91 -3.44
C SER A 265 14.26 10.80 -2.19
N ILE A 266 14.68 11.49 -1.14
CA ILE A 266 13.95 11.49 0.11
C ILE A 266 12.60 12.18 -0.06
N GLY A 267 11.56 11.58 0.49
CA GLY A 267 10.26 12.20 0.47
C GLY A 267 9.42 12.02 -0.79
N ARG A 268 10.07 12.00 -1.95
CA ARG A 268 9.36 11.85 -3.21
C ARG A 268 9.10 10.39 -3.56
N THR A 269 8.02 10.14 -4.31
CA THR A 269 7.68 8.78 -4.75
C THR A 269 8.22 8.55 -6.17
N ASN A 270 9.10 9.45 -6.60
CA ASN A 270 9.71 9.37 -7.94
C ASN A 270 10.50 8.11 -8.13
N TYR A 271 10.50 7.63 -9.37
CA TYR A 271 11.32 6.49 -9.75
C TYR A 271 12.20 6.95 -10.92
N PRO A 272 13.31 6.26 -11.17
CA PRO A 272 14.16 6.68 -12.28
C PRO A 272 13.55 6.38 -13.65
N LYS A 273 13.83 7.23 -14.64
CA LYS A 273 13.37 6.98 -16.00
C LYS A 273 14.31 5.96 -16.61
N ASN A 274 13.83 5.20 -17.58
CA ASN A 274 14.67 4.17 -18.20
C ASN A 274 15.08 3.19 -17.11
N THR A 275 14.09 2.69 -16.38
CA THR A 275 14.30 1.75 -15.30
C THR A 275 14.02 0.32 -15.79
N GLU A 276 14.68 -0.68 -15.19
CA GLU A 276 14.47 -2.07 -15.58
C GLU A 276 13.10 -2.59 -15.16
N PRO A 277 12.52 -3.52 -15.94
CA PRO A 277 11.21 -4.10 -15.62
C PRO A 277 11.27 -4.81 -14.27
N VAL A 278 10.23 -4.64 -13.46
CA VAL A 278 10.21 -5.24 -12.15
C VAL A 278 9.56 -6.64 -12.13
N ILE A 279 8.68 -6.92 -13.09
CA ILE A 279 8.05 -8.26 -13.17
C ILE A 279 8.93 -9.19 -14.02
N LYS A 280 9.23 -10.38 -13.50
CA LYS A 280 10.07 -11.35 -14.20
C LYS A 280 9.45 -11.84 -15.50
N LYS A 281 10.26 -11.89 -16.56
CA LYS A 281 9.81 -12.38 -17.85
C LYS A 281 10.06 -13.89 -17.91
N ARG A 282 9.08 -14.63 -18.41
CA ARG A 282 9.19 -16.09 -18.51
C ARG A 282 10.19 -16.53 -19.56
N LYS A 283 10.82 -17.68 -19.33
CA LYS A 283 11.75 -18.26 -20.29
C LYS A 283 10.94 -18.79 -21.49
N GLY A 284 9.80 -19.40 -21.20
CA GLY A 284 8.94 -19.95 -22.25
C GLY A 284 7.70 -19.08 -22.44
N ASP A 285 6.53 -19.71 -22.56
CA ASP A 285 5.30 -18.95 -22.72
C ASP A 285 4.42 -19.02 -21.47
N ILE A 286 3.19 -18.58 -21.59
CA ILE A 286 2.25 -18.55 -20.47
C ILE A 286 1.87 -19.98 -19.98
N LYS A 287 2.23 -20.98 -20.76
CA LYS A 287 1.92 -22.36 -20.41
C LYS A 287 3.09 -23.09 -19.75
N SER A 288 4.24 -22.43 -19.67
CA SER A 288 5.44 -23.02 -19.07
C SER A 288 5.35 -23.16 -17.55
N TYR A 289 6.08 -24.12 -17.02
CA TYR A 289 6.11 -24.35 -15.58
C TYR A 289 7.46 -23.93 -14.99
N GLY B 8 -37.09 -11.11 -4.11
CA GLY B 8 -37.55 -9.73 -4.50
C GLY B 8 -36.40 -8.77 -4.80
N TYR B 9 -35.84 -8.17 -3.76
CA TYR B 9 -34.75 -7.20 -3.91
C TYR B 9 -33.42 -7.87 -4.30
N SER B 10 -32.55 -7.11 -4.97
CA SER B 10 -31.25 -7.64 -5.38
C SER B 10 -30.13 -6.61 -5.16
N ASP B 11 -28.89 -7.07 -5.27
CA ASP B 11 -27.75 -6.19 -5.10
C ASP B 11 -27.48 -5.39 -6.38
N ARG B 12 -28.17 -5.74 -7.46
CA ARG B 12 -27.97 -5.05 -8.73
C ARG B 12 -28.79 -3.78 -8.83
N VAL B 13 -29.93 -3.75 -8.17
CA VAL B 13 -30.81 -2.60 -8.22
C VAL B 13 -30.71 -1.78 -6.95
N GLN B 14 -30.26 -0.53 -7.10
CA GLN B 14 -30.06 0.36 -5.96
C GLN B 14 -30.49 1.79 -6.26
N GLN B 15 -30.82 2.53 -5.21
CA GLN B 15 -31.17 3.94 -5.34
C GLN B 15 -30.46 4.73 -4.26
N ILE B 16 -29.81 5.80 -4.65
CA ILE B 16 -29.14 6.67 -3.68
C ILE B 16 -29.72 8.06 -3.78
N THR B 17 -30.21 8.57 -2.66
CA THR B 17 -30.79 9.90 -2.63
C THR B 17 -30.06 10.83 -1.67
N LEU B 18 -29.46 11.88 -2.24
CA LEU B 18 -28.74 12.88 -1.45
C LEU B 18 -29.25 14.27 -1.86
N GLY B 19 -29.83 14.99 -0.91
CA GLY B 19 -30.34 16.33 -1.20
C GLY B 19 -31.48 16.28 -2.21
N ASN B 20 -31.35 17.04 -3.29
CA ASN B 20 -32.38 17.07 -4.32
C ASN B 20 -31.99 16.21 -5.52
N SER B 21 -31.03 15.31 -5.33
CA SER B 21 -30.55 14.44 -6.39
C SER B 21 -30.69 12.95 -6.03
N THR B 22 -31.00 12.14 -7.03
CA THR B 22 -31.15 10.71 -6.85
C THR B 22 -30.48 9.95 -7.96
N ILE B 23 -29.77 8.89 -7.59
CA ILE B 23 -29.10 8.04 -8.55
C ILE B 23 -29.83 6.72 -8.60
N THR B 24 -30.01 6.21 -9.79
CA THR B 24 -30.68 4.94 -9.99
C THR B 24 -29.79 4.00 -10.78
N THR B 25 -29.76 2.72 -10.38
CA THR B 25 -28.99 1.74 -11.11
C THR B 25 -29.64 0.36 -11.08
N GLN B 26 -29.63 -0.31 -12.22
CA GLN B 26 -30.20 -1.64 -12.32
C GLN B 26 -29.16 -2.71 -12.59
N GLU B 27 -27.91 -2.29 -12.77
CA GLU B 27 -26.81 -3.22 -13.02
C GLU B 27 -25.62 -2.93 -12.12
N ALA B 28 -25.87 -2.94 -10.82
CA ALA B 28 -24.83 -2.68 -9.84
C ALA B 28 -24.23 -3.98 -9.31
N ALA B 29 -23.12 -3.86 -8.60
CA ALA B 29 -22.45 -5.01 -8.00
C ALA B 29 -22.23 -4.72 -6.53
N ASN B 30 -23.34 -4.54 -5.81
CA ASN B 30 -23.29 -4.17 -4.39
C ASN B 30 -22.68 -2.77 -4.31
N ALA B 31 -22.11 -2.42 -3.16
CA ALA B 31 -21.48 -1.11 -2.98
C ALA B 31 -20.44 -1.17 -1.90
N VAL B 32 -19.30 -0.55 -2.14
CA VAL B 32 -18.22 -0.56 -1.18
C VAL B 32 -18.26 0.62 -0.24
N VAL B 33 -18.14 0.34 1.06
CA VAL B 33 -18.05 1.37 2.08
C VAL B 33 -16.63 1.29 2.64
N CYS B 34 -15.75 2.18 2.19
CA CYS B 34 -14.34 2.18 2.58
C CYS B 34 -14.06 1.79 4.01
N TYR B 35 -13.31 0.72 4.18
CA TYR B 35 -12.91 0.21 5.50
C TYR B 35 -14.08 -0.01 6.42
N ALA B 36 -15.25 -0.28 5.82
CA ALA B 36 -16.47 -0.55 6.58
C ALA B 36 -16.85 0.61 7.49
N GLU B 37 -16.54 1.83 7.08
CA GLU B 37 -16.84 3.02 7.88
C GLU B 37 -17.70 4.00 7.12
N TRP B 38 -18.89 4.25 7.62
CA TRP B 38 -19.78 5.21 7.00
C TRP B 38 -19.34 6.62 7.43
N PRO B 39 -19.52 7.63 6.55
CA PRO B 39 -19.12 9.00 6.92
C PRO B 39 -19.87 9.49 8.17
N GLU B 40 -19.27 10.42 8.89
CA GLU B 40 -19.87 11.00 10.11
C GLU B 40 -19.28 12.37 10.44
N TYR B 41 -20.00 13.14 11.24
CA TYR B 41 -19.52 14.46 11.65
C TYR B 41 -18.42 14.32 12.70
N LEU B 42 -17.59 15.35 12.82
CA LEU B 42 -16.49 15.35 13.78
C LEU B 42 -17.00 15.47 15.21
N PRO B 43 -16.75 14.44 16.05
CA PRO B 43 -17.21 14.49 17.45
C PRO B 43 -16.36 15.45 18.29
N ASP B 44 -16.96 15.96 19.37
CA ASP B 44 -16.27 16.88 20.26
C ASP B 44 -14.96 16.32 20.78
N VAL B 45 -14.97 15.04 21.12
CA VAL B 45 -13.79 14.41 21.68
C VAL B 45 -12.54 14.43 20.76
N ASP B 46 -12.76 14.57 19.45
CA ASP B 46 -11.64 14.58 18.49
C ASP B 46 -11.35 15.98 17.95
N ALA B 47 -12.17 16.95 18.33
CA ALA B 47 -12.03 18.32 17.83
C ALA B 47 -10.85 19.09 18.41
N SER B 48 -10.31 20.02 17.63
CA SER B 48 -9.21 20.86 18.04
C SER B 48 -9.57 22.32 17.79
N ASP B 49 -9.87 22.64 16.54
CA ASP B 49 -10.30 23.98 16.16
C ASP B 49 -11.54 24.33 17.02
N VAL B 50 -11.52 25.50 17.67
CA VAL B 50 -12.61 25.89 18.58
C VAL B 50 -13.82 26.54 17.92
N ASN B 51 -13.70 26.92 16.65
CA ASN B 51 -14.81 27.57 15.92
C ASN B 51 -15.99 26.63 15.69
N LYS B 52 -17.20 27.17 15.82
CA LYS B 52 -18.41 26.42 15.52
C LYS B 52 -18.36 26.15 14.01
N THR B 53 -18.49 24.90 13.61
CA THR B 53 -18.43 24.58 12.18
C THR B 53 -19.76 24.81 11.49
N SER B 54 -19.70 24.99 10.18
CA SER B 54 -20.90 25.21 9.39
C SER B 54 -21.24 23.93 8.62
N LYS B 55 -22.48 23.47 8.77
CA LYS B 55 -22.95 22.26 8.08
C LYS B 55 -24.11 22.61 7.15
N PRO B 56 -23.80 22.99 5.90
CA PRO B 56 -24.78 23.38 4.86
C PRO B 56 -25.78 22.28 4.51
N ASP B 57 -25.37 21.03 4.74
CA ASP B 57 -26.23 19.89 4.46
C ASP B 57 -26.65 19.75 2.99
N THR B 58 -27.96 19.77 2.72
CA THR B 58 -28.50 19.50 1.38
C THR B 58 -28.04 20.40 0.23
N SER B 59 -27.49 21.55 0.55
CA SER B 59 -27.03 22.45 -0.49
C SER B 59 -25.67 22.03 -1.04
N VAL B 60 -24.95 21.17 -0.31
CA VAL B 60 -23.64 20.70 -0.76
C VAL B 60 -23.57 19.18 -0.81
N CYS B 61 -24.33 18.53 0.05
CA CYS B 61 -24.36 17.07 0.09
C CYS B 61 -25.37 16.56 -0.92
N ARG B 62 -24.99 16.63 -2.18
CA ARG B 62 -25.83 16.23 -3.28
C ARG B 62 -24.90 15.74 -4.40
N PHE B 63 -25.47 15.12 -5.42
CA PHE B 63 -24.67 14.58 -6.52
C PHE B 63 -24.25 15.63 -7.57
N TYR B 64 -22.98 15.62 -7.93
CA TYR B 64 -22.44 16.49 -8.97
C TYR B 64 -21.86 15.61 -10.06
N THR B 65 -22.30 15.80 -11.29
CA THR B 65 -21.78 15.01 -12.40
C THR B 65 -20.69 15.76 -13.15
N LEU B 66 -19.52 15.13 -13.26
CA LEU B 66 -18.38 15.71 -13.97
C LEU B 66 -18.53 15.48 -15.48
N ASP B 67 -17.62 16.05 -16.27
CA ASP B 67 -17.63 15.85 -17.73
C ASP B 67 -17.33 14.38 -18.02
N SER B 68 -18.02 13.83 -19.00
CA SER B 68 -17.82 12.42 -19.37
C SER B 68 -16.51 12.19 -20.09
N LYS B 69 -15.98 10.98 -19.99
CA LYS B 69 -14.75 10.60 -20.66
C LYS B 69 -15.06 9.58 -21.76
N THR B 70 -14.16 9.47 -22.72
CA THR B 70 -14.33 8.51 -23.80
C THR B 70 -13.34 7.36 -23.65
N TRP B 71 -13.87 6.17 -23.50
CA TRP B 71 -13.05 4.98 -23.35
C TRP B 71 -12.82 4.33 -24.72
N THR B 72 -11.61 4.48 -25.24
CA THR B 72 -11.26 3.83 -26.52
C THR B 72 -10.30 2.69 -26.24
N THR B 73 -9.91 1.95 -27.28
CA THR B 73 -9.00 0.84 -27.11
C THR B 73 -7.60 1.29 -26.69
N GLY B 74 -7.30 2.57 -26.93
CA GLY B 74 -6.00 3.10 -26.56
C GLY B 74 -5.98 3.77 -25.20
N SER B 75 -7.13 3.79 -24.51
CA SER B 75 -7.22 4.43 -23.20
C SER B 75 -6.33 3.77 -22.16
N LYS B 76 -5.79 4.56 -21.25
CA LYS B 76 -4.92 4.04 -20.20
C LYS B 76 -5.50 4.27 -18.79
N GLY B 77 -6.31 5.30 -18.64
CA GLY B 77 -6.91 5.56 -17.35
C GLY B 77 -7.13 7.03 -17.04
N TRP B 78 -7.88 7.28 -15.98
CA TRP B 78 -8.20 8.64 -15.58
C TRP B 78 -8.05 8.78 -14.07
N CYS B 79 -7.70 9.97 -13.62
CA CYS B 79 -7.50 10.21 -12.21
C CYS B 79 -8.09 11.55 -11.76
N TRP B 80 -8.87 11.51 -10.69
CA TRP B 80 -9.46 12.71 -10.10
C TRP B 80 -9.00 12.82 -8.65
N LYS B 81 -8.89 14.04 -8.15
CA LYS B 81 -8.50 14.29 -6.77
C LYS B 81 -9.64 14.97 -6.06
N LEU B 82 -9.95 14.50 -4.86
CA LEU B 82 -10.99 15.14 -4.05
C LEU B 82 -10.30 15.81 -2.87
N PRO B 83 -10.83 16.96 -2.41
CA PRO B 83 -12.02 17.65 -2.93
C PRO B 83 -11.78 18.51 -4.17
N ASP B 84 -10.56 18.48 -4.70
CA ASP B 84 -10.21 19.31 -5.84
C ASP B 84 -11.21 19.22 -7.01
N ALA B 85 -11.61 18.01 -7.36
CA ALA B 85 -12.52 17.81 -8.48
C ALA B 85 -13.85 18.58 -8.33
N LEU B 86 -14.21 18.92 -7.11
CA LEU B 86 -15.48 19.63 -6.87
C LEU B 86 -15.29 21.10 -6.48
N LYS B 87 -14.09 21.63 -6.66
CA LYS B 87 -13.79 23.00 -6.26
C LYS B 87 -14.65 24.08 -6.96
N ASP B 88 -15.15 23.77 -8.15
CA ASP B 88 -15.98 24.72 -8.89
C ASP B 88 -17.42 24.25 -8.98
N MET B 89 -17.80 23.35 -8.08
CA MET B 89 -19.14 22.78 -8.10
C MET B 89 -20.10 23.42 -7.10
N GLY B 90 -21.02 24.23 -7.62
CA GLY B 90 -22.07 24.84 -6.81
C GLY B 90 -21.65 25.42 -5.47
N VAL B 91 -22.52 25.26 -4.48
CA VAL B 91 -22.28 25.80 -3.15
C VAL B 91 -21.14 25.11 -2.42
N PHE B 92 -20.83 23.89 -2.82
CA PHE B 92 -19.71 23.18 -2.20
C PHE B 92 -18.41 23.90 -2.55
N GLY B 93 -18.23 24.18 -3.84
CA GLY B 93 -17.04 24.86 -4.29
C GLY B 93 -16.87 26.22 -3.64
N GLN B 94 -17.96 26.97 -3.54
CA GLN B 94 -17.92 28.28 -2.92
C GLN B 94 -17.45 28.18 -1.47
N ASN B 95 -18.03 27.25 -0.72
CA ASN B 95 -17.65 27.07 0.68
C ASN B 95 -16.20 26.66 0.81
N MET B 96 -15.72 25.91 -0.15
CA MET B 96 -14.35 25.44 -0.17
C MET B 96 -13.36 26.61 -0.25
N PHE B 97 -13.72 27.65 -1.01
CA PHE B 97 -12.84 28.79 -1.18
C PHE B 97 -12.93 29.86 -0.07
N PHE B 98 -14.08 29.92 0.61
CA PHE B 98 -14.27 30.90 1.66
C PHE B 98 -13.78 30.44 3.03
N HIS B 99 -13.59 29.15 3.19
CA HIS B 99 -13.14 28.61 4.48
C HIS B 99 -11.71 28.12 4.40
N SER B 100 -10.98 28.27 5.50
CA SER B 100 -9.61 27.80 5.55
C SER B 100 -9.58 26.31 5.95
N LEU B 101 -10.68 25.82 6.52
CA LEU B 101 -10.76 24.43 6.95
C LEU B 101 -12.06 23.77 6.48
N GLY B 102 -12.01 22.44 6.40
CA GLY B 102 -13.18 21.68 5.98
C GLY B 102 -12.89 20.20 5.98
N ARG B 103 -13.94 19.39 6.10
CA ARG B 103 -13.81 17.94 6.06
C ARG B 103 -15.06 17.38 5.42
N SER B 104 -14.95 16.21 4.82
CA SER B 104 -16.08 15.63 4.11
C SER B 104 -15.89 14.18 3.74
N GLY B 105 -17.01 13.49 3.59
CA GLY B 105 -17.00 12.13 3.09
C GLY B 105 -17.58 12.21 1.69
N TYR B 106 -17.64 11.10 0.99
CA TYR B 106 -18.18 11.11 -0.37
C TYR B 106 -18.82 9.82 -0.75
N THR B 107 -19.68 9.89 -1.73
CA THR B 107 -20.20 8.70 -2.35
C THR B 107 -19.97 8.88 -3.84
N VAL B 108 -19.03 8.09 -4.36
CA VAL B 108 -18.65 8.15 -5.75
C VAL B 108 -19.43 7.12 -6.57
N HIS B 109 -19.89 7.54 -7.74
CA HIS B 109 -20.67 6.65 -8.61
C HIS B 109 -20.15 6.72 -10.03
N VAL B 110 -19.46 5.67 -10.46
CA VAL B 110 -18.92 5.61 -11.82
C VAL B 110 -19.85 4.83 -12.76
N GLN B 111 -20.17 5.43 -13.89
CA GLN B 111 -21.13 4.84 -14.83
C GLN B 111 -20.52 4.51 -16.17
N CYS B 112 -20.96 3.41 -16.76
CA CYS B 112 -20.50 2.98 -18.07
C CYS B 112 -21.30 1.77 -18.55
N ASN B 113 -22.27 2.00 -19.44
CA ASN B 113 -23.09 0.93 -19.97
C ASN B 113 -22.66 0.49 -21.39
N ALA B 114 -23.04 -0.73 -21.75
CA ALA B 114 -22.73 -1.29 -23.07
C ALA B 114 -23.80 -2.33 -23.42
N THR B 115 -23.44 -3.34 -24.20
CA THR B 115 -24.38 -4.42 -24.52
C THR B 115 -23.78 -5.74 -24.09
N LYS B 116 -24.57 -6.80 -24.19
CA LYS B 116 -24.10 -8.13 -23.83
C LYS B 116 -23.15 -8.69 -24.89
N PHE B 117 -22.79 -7.85 -25.87
CA PHE B 117 -21.84 -8.24 -26.91
C PHE B 117 -20.48 -7.59 -26.68
N HIS B 118 -20.43 -6.62 -25.77
CA HIS B 118 -19.20 -5.91 -25.46
C HIS B 118 -18.33 -6.66 -24.44
N SER B 119 -17.04 -6.30 -24.39
CA SER B 119 -16.09 -6.86 -23.43
C SER B 119 -15.28 -5.70 -22.87
N GLY B 120 -14.76 -5.87 -21.67
CA GLY B 120 -13.97 -4.81 -21.08
C GLY B 120 -14.14 -4.78 -19.59
N CYS B 121 -13.12 -4.28 -18.91
CA CYS B 121 -13.15 -4.25 -17.48
C CYS B 121 -12.45 -3.03 -16.93
N LEU B 122 -13.16 -2.28 -16.08
CA LEU B 122 -12.61 -1.08 -15.45
C LEU B 122 -12.38 -1.30 -13.97
N LEU B 123 -11.23 -0.86 -13.49
CA LEU B 123 -10.95 -0.90 -12.06
C LEU B 123 -11.25 0.49 -11.51
N VAL B 124 -12.17 0.56 -10.56
CA VAL B 124 -12.52 1.82 -9.93
C VAL B 124 -12.00 1.78 -8.51
N VAL B 125 -10.97 2.55 -8.24
CA VAL B 125 -10.32 2.51 -6.95
C VAL B 125 -10.14 3.88 -6.27
N VAL B 126 -10.26 3.88 -4.95
CA VAL B 126 -10.09 5.09 -4.17
C VAL B 126 -8.81 5.00 -3.34
N ILE B 127 -7.85 5.88 -3.63
CA ILE B 127 -6.55 5.84 -2.97
C ILE B 127 -6.33 7.01 -2.03
N PRO B 128 -6.22 6.75 -0.72
CA PRO B 128 -5.98 7.82 0.25
C PRO B 128 -4.53 8.31 0.15
N GLU B 129 -4.34 9.62 0.21
CA GLU B 129 -2.99 10.23 0.16
C GLU B 129 -2.17 9.71 -1.02
N HIS B 130 -2.71 9.85 -2.23
CA HIS B 130 -2.04 9.42 -3.44
C HIS B 130 -0.97 10.43 -3.88
N GLN B 131 0.19 10.39 -3.24
CA GLN B 131 1.31 11.28 -3.59
C GLN B 131 1.92 10.88 -4.94
N LEU B 132 1.78 11.74 -5.93
CA LEU B 132 2.27 11.46 -7.29
C LEU B 132 3.76 11.66 -7.50
N ALA B 133 4.31 10.96 -8.49
CA ALA B 133 5.71 11.08 -8.85
C ALA B 133 5.86 12.08 -10.00
N SER B 134 7.02 12.73 -10.09
CA SER B 134 7.28 13.72 -11.14
C SER B 134 7.83 13.12 -12.41
N HIS B 135 7.39 13.66 -13.55
CA HIS B 135 7.79 13.16 -14.87
C HIS B 135 9.28 13.27 -15.14
N GLU B 136 9.89 14.34 -14.64
CA GLU B 136 11.32 14.57 -14.84
C GLU B 136 12.16 13.61 -14.00
N GLY B 137 11.53 13.05 -12.95
CA GLY B 137 12.21 12.11 -12.10
C GLY B 137 13.27 12.77 -11.21
N GLY B 138 14.09 11.94 -10.58
CA GLY B 138 15.15 12.46 -9.72
C GLY B 138 14.64 13.20 -8.50
N ASN B 139 14.87 14.51 -8.46
CA ASN B 139 14.44 15.34 -7.32
C ASN B 139 13.57 16.56 -7.76
N VAL B 140 12.57 16.29 -8.59
CA VAL B 140 11.65 17.34 -9.06
C VAL B 140 10.27 17.16 -8.40
N SER B 141 9.61 18.29 -8.08
CA SER B 141 8.26 18.25 -7.46
C SER B 141 7.16 18.63 -8.48
N VAL B 142 5.98 18.02 -8.34
CA VAL B 142 4.83 18.30 -9.23
C VAL B 142 4.22 19.69 -8.91
N LYS B 143 4.09 20.53 -9.94
CA LYS B 143 3.54 21.88 -9.78
C LYS B 143 2.00 21.84 -9.56
N TYR B 144 1.53 22.72 -8.67
CA TYR B 144 0.10 22.80 -8.29
C TYR B 144 -0.90 22.51 -9.44
N THR B 145 -0.74 23.20 -10.56
CA THR B 145 -1.64 23.04 -11.70
C THR B 145 -1.90 21.59 -12.06
N PHE B 146 -0.84 20.81 -12.16
CA PHE B 146 -0.95 19.42 -12.57
C PHE B 146 -1.47 18.50 -11.47
N THR B 147 -1.21 18.87 -10.22
CA THR B 147 -1.66 18.05 -9.09
C THR B 147 -3.10 18.41 -8.65
N HIS B 148 -3.60 19.54 -9.14
CA HIS B 148 -4.98 19.99 -8.89
C HIS B 148 -5.61 20.31 -10.24
N PRO B 149 -5.91 19.27 -11.03
CA PRO B 149 -6.48 19.37 -12.38
C PRO B 149 -7.92 19.81 -12.50
N GLY B 150 -8.67 19.75 -11.40
CA GLY B 150 -10.06 20.16 -11.47
C GLY B 150 -10.97 19.02 -11.89
N GLU B 151 -12.16 19.37 -12.38
CA GLU B 151 -13.15 18.36 -12.76
C GLU B 151 -12.78 17.53 -13.99
N ARG B 152 -11.82 18.01 -14.77
CA ARG B 152 -11.37 17.27 -15.95
C ARG B 152 -10.41 16.13 -15.60
N GLY B 153 -9.85 16.20 -14.40
CA GLY B 153 -8.94 15.16 -13.95
C GLY B 153 -7.67 15.05 -14.78
N ILE B 154 -6.91 13.98 -14.54
CA ILE B 154 -5.68 13.72 -15.27
C ILE B 154 -5.91 12.55 -16.22
N ASP B 155 -5.58 12.72 -17.50
CA ASP B 155 -5.68 11.64 -18.48
C ASP B 155 -4.34 10.94 -18.55
N LEU B 156 -4.30 9.68 -18.16
CA LEU B 156 -3.05 8.94 -18.17
C LEU B 156 -2.63 8.56 -19.57
N SER B 157 -3.57 8.56 -20.49
CA SER B 157 -3.31 8.17 -21.86
C SER B 157 -2.40 9.17 -22.59
N SER B 158 -2.05 10.26 -21.91
CA SER B 158 -1.19 11.28 -22.51
C SER B 158 0.27 10.80 -22.58
N ALA B 159 0.65 9.86 -21.72
CA ALA B 159 2.01 9.30 -21.69
C ALA B 159 2.01 8.11 -20.70
N ALA B 160 1.49 6.98 -21.16
CA ALA B 160 1.30 5.79 -20.30
C ALA B 160 2.40 4.75 -20.27
N ASP B 161 2.12 3.70 -19.50
CA ASP B 161 3.07 2.61 -19.22
C ASP B 161 2.83 1.33 -20.07
N THR B 162 1.57 0.85 -20.05
CA THR B 162 1.17 -0.40 -20.73
C THR B 162 1.67 -0.57 -22.21
N ILE B 163 0.99 0.04 -23.17
CA ILE B 163 1.37 -0.09 -24.58
C ILE B 163 2.17 1.13 -25.10
N GLY B 164 2.37 2.11 -24.22
CA GLY B 164 3.17 3.29 -24.55
C GLY B 164 2.57 4.27 -25.56
N PRO B 165 1.49 5.00 -25.19
CA PRO B 165 0.90 5.91 -26.18
C PRO B 165 0.96 7.38 -25.75
N GLY B 166 0.52 8.25 -26.69
CA GLY B 166 0.42 9.67 -26.46
C GLY B 166 -0.87 10.13 -27.12
N ARG B 167 -2.00 9.79 -26.48
CA ARG B 167 -3.35 10.06 -27.00
C ARG B 167 -3.59 11.45 -27.57
N ALA B 168 -4.16 12.33 -26.76
CA ALA B 168 -4.49 13.69 -27.19
C ALA B 168 -3.41 14.70 -26.79
N PHE B 169 -2.92 14.60 -25.56
CA PHE B 169 -1.89 15.51 -25.05
C PHE B 169 -0.71 14.71 -24.49
N TYR B 170 0.12 15.41 -23.73
CA TYR B 170 1.21 14.80 -22.95
C TYR B 170 0.90 15.26 -21.50
N THR B 171 0.21 16.41 -21.42
CA THR B 171 -0.30 17.01 -20.17
C THR B 171 -1.32 18.12 -20.57
N THR B 172 -1.61 19.06 -19.66
CA THR B 172 -2.58 20.14 -19.97
C THR B 172 -2.31 20.82 -21.32
N LYS B 173 -1.06 21.23 -21.53
CA LYS B 173 -0.65 21.84 -22.80
C LYS B 173 0.19 20.80 -23.54
N ASN B 174 1.23 20.32 -22.85
CA ASN B 174 2.13 19.27 -23.35
C ASN B 174 3.13 18.98 -22.23
N ASN B 175 4.13 18.15 -22.50
CA ASN B 175 5.16 17.83 -21.50
C ASN B 175 5.86 19.13 -21.02
N GLU B 176 5.28 19.77 -20.01
CA GLU B 176 5.81 21.04 -19.49
C GLU B 176 6.28 20.88 -18.03
N VAL B 177 7.46 21.45 -17.75
CA VAL B 177 8.09 21.36 -16.41
C VAL B 177 7.12 21.25 -15.22
N GLY B 178 7.15 20.11 -14.54
CA GLY B 178 6.33 19.92 -13.35
C GLY B 178 5.16 18.95 -13.49
N GLY B 179 5.06 18.28 -14.64
CA GLY B 179 3.97 17.34 -14.86
C GLY B 179 4.19 16.02 -14.13
N PRO B 180 3.12 15.26 -13.84
CA PRO B 180 3.26 13.98 -13.14
C PRO B 180 3.58 12.85 -14.11
N VAL B 181 4.34 11.87 -13.65
CA VAL B 181 4.67 10.72 -14.49
C VAL B 181 3.37 9.92 -14.73
N LYS B 182 3.02 9.70 -15.99
CA LYS B 182 1.76 9.07 -16.34
C LYS B 182 1.81 7.57 -16.66
N ASP B 183 2.70 6.84 -15.99
CA ASP B 183 2.80 5.39 -16.18
C ASP B 183 1.72 4.68 -15.36
N VAL B 184 0.75 4.09 -16.05
CA VAL B 184 -0.37 3.40 -15.40
C VAL B 184 0.07 2.18 -14.62
N ILE B 185 0.94 1.38 -15.20
CA ILE B 185 1.38 0.14 -14.59
C ILE B 185 2.10 0.44 -13.26
N TYR B 186 2.55 1.66 -13.08
CA TYR B 186 3.29 2.05 -11.87
C TYR B 186 2.49 2.99 -10.98
N ASN B 187 1.19 3.10 -11.24
CA ASN B 187 0.27 3.90 -10.42
C ASN B 187 0.72 5.33 -10.17
N MET B 188 1.56 5.85 -11.06
CA MET B 188 2.06 7.21 -10.93
C MET B 188 2.80 7.41 -9.59
N ASN B 189 3.31 6.35 -8.99
CA ASN B 189 4.00 6.47 -7.70
C ASN B 189 4.99 5.36 -7.38
N GLY B 190 5.37 4.58 -8.37
CA GLY B 190 6.37 3.54 -8.14
C GLY B 190 5.89 2.23 -7.56
N THR B 191 4.59 1.99 -7.57
CA THR B 191 4.05 0.71 -7.12
C THR B 191 3.38 0.03 -8.32
N LEU B 192 2.96 -1.21 -8.15
CA LEU B 192 2.36 -1.94 -9.27
C LEU B 192 0.84 -1.92 -9.29
N LEU B 193 0.29 -1.77 -10.49
CA LEU B 193 -1.14 -1.70 -10.71
C LEU B 193 -1.93 -2.84 -10.07
N GLY B 194 -1.42 -4.05 -10.22
CA GLY B 194 -2.10 -5.22 -9.69
C GLY B 194 -2.34 -5.20 -8.20
N ASN B 195 -1.59 -4.36 -7.48
CA ASN B 195 -1.69 -4.29 -6.04
C ASN B 195 -2.62 -3.20 -5.56
N LEU B 196 -3.21 -2.49 -6.52
CA LEU B 196 -4.12 -1.41 -6.23
C LEU B 196 -5.37 -1.93 -5.50
N LEU B 197 -5.59 -3.26 -5.56
CA LEU B 197 -6.75 -3.88 -4.95
C LEU B 197 -6.74 -3.89 -3.42
N ILE B 198 -5.61 -3.50 -2.83
CA ILE B 198 -5.54 -3.41 -1.39
C ILE B 198 -6.35 -2.19 -0.90
N PHE B 199 -6.62 -1.28 -1.84
CA PHE B 199 -7.41 -0.07 -1.55
C PHE B 199 -8.87 -0.35 -1.91
N PRO B 200 -9.81 0.39 -1.30
CA PRO B 200 -11.24 0.20 -1.60
C PRO B 200 -11.47 0.30 -3.10
N HIS B 201 -12.15 -0.69 -3.69
CA HIS B 201 -12.35 -0.71 -5.11
C HIS B 201 -13.56 -1.54 -5.56
N GLN B 202 -13.86 -1.42 -6.84
CA GLN B 202 -14.90 -2.21 -7.48
C GLN B 202 -14.51 -2.32 -8.93
N PHE B 203 -15.02 -3.33 -9.61
CA PHE B 203 -14.76 -3.48 -11.03
C PHE B 203 -16.03 -3.22 -11.80
N ILE B 204 -15.90 -2.59 -12.95
CA ILE B 204 -17.02 -2.49 -13.84
C ILE B 204 -16.74 -3.45 -14.98
N ASN B 205 -17.14 -4.69 -14.78
CA ASN B 205 -16.98 -5.74 -15.75
C ASN B 205 -18.21 -5.69 -16.65
N LEU B 206 -18.04 -5.21 -17.87
CA LEU B 206 -19.17 -5.02 -18.79
C LEU B 206 -20.19 -6.16 -18.87
N ARG B 207 -19.73 -7.39 -18.73
CA ARG B 207 -20.63 -8.54 -18.78
C ARG B 207 -21.48 -8.68 -17.51
N THR B 208 -21.05 -8.05 -16.43
CA THR B 208 -21.74 -8.19 -15.15
C THR B 208 -22.51 -6.96 -14.73
N ASN B 209 -21.81 -5.85 -14.64
CA ASN B 209 -22.41 -4.63 -14.12
C ASN B 209 -22.04 -3.44 -14.99
N ASN B 210 -22.73 -2.33 -14.79
CA ASN B 210 -22.44 -1.12 -15.54
C ASN B 210 -22.15 0.08 -14.64
N THR B 211 -22.14 -0.15 -13.34
CA THR B 211 -21.82 0.92 -12.38
C THR B 211 -21.00 0.42 -11.19
N ALA B 212 -20.27 1.34 -10.59
CA ALA B 212 -19.50 1.06 -9.39
C ALA B 212 -19.83 2.16 -8.39
N THR B 213 -19.99 1.79 -7.13
CA THR B 213 -20.33 2.75 -6.09
C THR B 213 -19.45 2.57 -4.87
N ILE B 214 -18.78 3.63 -4.47
CA ILE B 214 -17.91 3.60 -3.31
C ILE B 214 -18.22 4.76 -2.37
N VAL B 215 -18.48 4.43 -1.12
CA VAL B 215 -18.73 5.44 -0.11
C VAL B 215 -17.46 5.65 0.71
N ILE B 216 -17.00 6.89 0.75
CA ILE B 216 -15.75 7.22 1.41
C ILE B 216 -15.94 8.08 2.66
N PRO B 217 -15.42 7.63 3.81
CA PRO B 217 -15.53 8.43 5.03
C PRO B 217 -14.34 9.40 5.04
N TYR B 218 -14.32 10.35 5.97
CA TYR B 218 -13.18 11.27 6.05
C TYR B 218 -11.97 10.51 6.58
N ILE B 219 -10.92 10.46 5.77
CA ILE B 219 -9.70 9.76 6.16
C ILE B 219 -8.56 10.77 6.24
N ASN B 220 -7.99 10.92 7.43
CA ASN B 220 -6.92 11.87 7.63
C ASN B 220 -6.32 11.70 9.03
N SER B 221 -5.13 12.23 9.23
CA SER B 221 -4.47 12.13 10.54
C SER B 221 -4.78 13.35 11.40
N VAL B 222 -5.58 14.26 10.86
CA VAL B 222 -6.03 15.44 11.57
C VAL B 222 -7.55 15.48 11.51
N PRO B 223 -8.20 16.04 12.54
CA PRO B 223 -9.67 16.12 12.60
C PRO B 223 -10.31 16.91 11.46
N ILE B 224 -9.64 17.97 11.01
CA ILE B 224 -10.16 18.81 9.94
C ILE B 224 -8.93 19.35 9.19
N ASP B 225 -9.09 19.79 7.96
CA ASP B 225 -7.92 20.19 7.20
C ASP B 225 -8.21 21.22 6.11
N SER B 226 -7.15 21.77 5.53
CA SER B 226 -7.27 22.72 4.44
C SER B 226 -7.67 21.98 3.18
N MET B 227 -8.76 22.39 2.58
CA MET B 227 -9.27 21.72 1.41
C MET B 227 -8.62 22.11 0.09
N THR B 228 -8.03 23.29 0.01
CA THR B 228 -7.40 23.73 -1.23
C THR B 228 -5.93 23.35 -1.35
N ARG B 229 -5.30 23.01 -0.22
CA ARG B 229 -3.89 22.65 -0.22
C ARG B 229 -3.66 21.15 -0.01
N HIS B 230 -4.73 20.41 0.26
CA HIS B 230 -4.61 18.98 0.52
C HIS B 230 -5.71 18.17 -0.15
N ASN B 231 -5.32 17.10 -0.85
CA ASN B 231 -6.28 16.19 -1.48
C ASN B 231 -6.28 14.87 -0.72
N ASN B 232 -7.33 14.63 0.04
CA ASN B 232 -7.42 13.45 0.89
C ASN B 232 -7.43 12.13 0.15
N VAL B 233 -8.22 12.07 -0.92
CA VAL B 233 -8.30 10.86 -1.71
C VAL B 233 -8.18 11.14 -3.18
N SER B 234 -7.86 10.10 -3.91
CA SER B 234 -7.72 10.18 -5.33
C SER B 234 -8.57 9.07 -5.93
N LEU B 235 -9.41 9.42 -6.90
CA LEU B 235 -10.26 8.42 -7.56
C LEU B 235 -9.64 8.04 -8.88
N MET B 236 -9.47 6.74 -9.09
CA MET B 236 -8.86 6.27 -10.31
C MET B 236 -9.74 5.28 -11.06
N VAL B 237 -9.86 5.49 -12.36
CA VAL B 237 -10.62 4.59 -13.24
C VAL B 237 -9.67 4.07 -14.30
N ILE B 238 -9.34 2.78 -14.21
CA ILE B 238 -8.35 2.18 -15.09
C ILE B 238 -8.85 0.98 -15.86
N PRO B 239 -8.67 0.98 -17.18
CA PRO B 239 -9.11 -0.18 -17.97
C PRO B 239 -8.09 -1.32 -17.81
N ILE B 240 -8.54 -2.45 -17.26
CA ILE B 240 -7.66 -3.61 -17.14
C ILE B 240 -7.84 -4.46 -18.39
N ALA B 241 -9.02 -5.06 -18.54
CA ALA B 241 -9.33 -5.79 -19.76
C ALA B 241 -9.80 -4.73 -20.77
N PRO B 242 -9.08 -4.59 -21.90
CA PRO B 242 -9.40 -3.60 -22.93
C PRO B 242 -10.82 -3.68 -23.46
N LEU B 243 -11.31 -2.58 -24.01
CA LEU B 243 -12.64 -2.51 -24.58
C LEU B 243 -12.69 -3.25 -25.90
N THR B 244 -13.64 -4.16 -26.04
CA THR B 244 -13.83 -4.88 -27.29
C THR B 244 -15.29 -4.75 -27.71
N VAL B 245 -15.51 -3.97 -28.77
CA VAL B 245 -16.86 -3.76 -29.28
C VAL B 245 -17.20 -4.74 -30.38
N PRO B 246 -18.49 -5.05 -30.55
CA PRO B 246 -18.90 -5.99 -31.61
C PRO B 246 -18.65 -5.45 -33.00
N THR B 247 -18.74 -6.34 -33.99
CA THR B 247 -18.50 -5.99 -35.38
C THR B 247 -19.40 -4.85 -35.85
N GLY B 248 -18.78 -3.83 -36.43
CA GLY B 248 -19.54 -2.71 -36.95
C GLY B 248 -19.71 -1.54 -36.00
N ALA B 249 -19.70 -1.82 -34.68
CA ALA B 249 -19.92 -0.78 -33.67
C ALA B 249 -18.76 0.22 -33.53
N THR B 250 -19.05 1.38 -32.95
CA THR B 250 -18.03 2.40 -32.71
C THR B 250 -17.10 1.89 -31.61
N PRO B 251 -15.78 1.96 -31.83
CA PRO B 251 -14.81 1.49 -30.85
C PRO B 251 -14.59 2.45 -29.68
N SER B 252 -15.67 2.88 -29.06
CA SER B 252 -15.59 3.78 -27.91
C SER B 252 -16.82 3.65 -27.02
N LEU B 253 -16.67 4.08 -25.78
CA LEU B 253 -17.75 3.99 -24.80
C LEU B 253 -17.57 5.13 -23.81
N PRO B 254 -18.66 5.83 -23.46
CA PRO B 254 -18.51 6.93 -22.51
C PRO B 254 -18.45 6.44 -21.07
N ILE B 255 -17.72 7.18 -20.24
CA ILE B 255 -17.64 6.89 -18.80
C ILE B 255 -18.00 8.15 -18.05
N THR B 256 -18.94 8.04 -17.13
CA THR B 256 -19.38 9.19 -16.37
C THR B 256 -19.17 9.03 -14.88
N VAL B 257 -18.68 10.08 -14.24
CA VAL B 257 -18.42 10.09 -12.81
C VAL B 257 -19.34 11.09 -12.11
N THR B 258 -19.99 10.63 -11.05
CA THR B 258 -20.87 11.47 -10.27
C THR B 258 -20.49 11.34 -8.81
N ILE B 259 -20.18 12.46 -8.17
CA ILE B 259 -19.73 12.44 -6.78
C ILE B 259 -20.63 13.28 -5.89
N ALA B 260 -20.88 12.80 -4.69
CA ALA B 260 -21.70 13.51 -3.74
C ALA B 260 -21.04 13.64 -2.37
N PRO B 261 -20.74 14.87 -1.93
CA PRO B 261 -20.13 15.09 -0.62
C PRO B 261 -21.11 14.62 0.47
N MET B 262 -20.56 14.10 1.58
CA MET B 262 -21.39 13.63 2.69
C MET B 262 -20.86 14.14 4.01
N CYS B 263 -21.77 14.50 4.92
CA CYS B 263 -21.39 14.98 6.25
C CYS B 263 -20.33 16.09 6.16
N THR B 264 -20.57 17.07 5.31
CA THR B 264 -19.61 18.14 5.07
C THR B 264 -19.61 19.22 6.16
N GLU B 265 -18.42 19.56 6.64
CA GLU B 265 -18.27 20.61 7.65
C GLU B 265 -17.27 21.63 7.17
N PHE B 266 -17.51 22.88 7.48
CA PHE B 266 -16.61 23.96 7.10
C PHE B 266 -16.29 24.82 8.31
N SER B 267 -15.10 25.36 8.34
CA SER B 267 -14.67 26.17 9.48
C SER B 267 -13.61 27.19 9.07
N GLY B 268 -13.47 28.25 9.86
CA GLY B 268 -12.48 29.28 9.58
C GLY B 268 -12.83 30.11 8.36
N ILE B 269 -14.00 30.73 8.38
CA ILE B 269 -14.46 31.53 7.26
C ILE B 269 -13.80 32.91 7.17
N ARG B 270 -13.27 33.23 5.99
CA ARG B 270 -12.69 34.54 5.72
C ARG B 270 -12.95 34.84 4.24
N SER B 271 -12.11 35.65 3.61
CA SER B 271 -12.29 35.93 2.18
C SER B 271 -11.88 34.70 1.34
N LYS B 272 -12.13 34.78 0.03
CA LYS B 272 -11.79 33.68 -0.89
C LYS B 272 -10.30 33.36 -0.93
N SER B 273 -10.00 32.08 -1.09
CA SER B 273 -8.63 31.61 -1.10
C SER B 273 -7.88 32.01 -2.36
N ILE B 274 -6.59 32.27 -2.19
CA ILE B 274 -5.71 32.60 -3.32
C ILE B 274 -4.86 31.40 -3.69
N VAL B 275 -5.21 30.76 -4.81
CA VAL B 275 -4.48 29.58 -5.30
C VAL B 275 -3.81 29.88 -6.65
N PRO B 276 -2.68 29.20 -6.94
CA PRO B 276 -1.95 29.41 -8.21
C PRO B 276 -2.80 29.07 -9.46
N GLN B 277 -2.45 29.70 -10.60
CA GLN B 277 -3.18 29.50 -11.87
C GLN B 277 -4.55 30.23 -11.91
N GLY C 1 26.06 -2.04 48.34
CA GLY C 1 26.89 -2.55 47.21
C GLY C 1 26.50 -3.95 46.77
N LEU C 2 25.55 -4.02 45.84
CA LEU C 2 25.07 -5.29 45.32
C LEU C 2 26.13 -5.98 44.43
N PRO C 3 26.56 -7.20 44.80
CA PRO C 3 27.57 -7.96 44.04
C PRO C 3 26.96 -8.47 42.74
N THR C 4 27.70 -8.27 41.66
CA THR C 4 27.21 -8.58 40.32
C THR C 4 28.27 -9.24 39.48
N THR C 5 27.82 -9.85 38.39
CA THR C 5 28.70 -10.51 37.45
C THR C 5 28.11 -10.31 36.08
N THR C 6 28.81 -9.54 35.25
CA THR C 6 28.32 -9.30 33.89
C THR C 6 28.48 -10.56 33.02
N LEU C 7 27.40 -10.91 32.33
CA LEU C 7 27.38 -12.10 31.47
C LEU C 7 27.92 -11.83 30.09
N PRO C 8 28.29 -12.90 29.35
CA PRO C 8 28.79 -12.75 27.98
C PRO C 8 27.71 -12.03 27.18
N GLY C 9 28.11 -11.15 26.29
CA GLY C 9 27.12 -10.41 25.52
C GLY C 9 26.77 -9.08 26.17
N SER C 10 27.35 -8.82 27.33
CA SER C 10 27.13 -7.57 28.01
C SER C 10 27.64 -6.43 27.13
N GLY C 11 26.83 -5.40 26.97
CA GLY C 11 27.22 -4.26 26.18
C GLY C 11 27.03 -4.43 24.68
N GLN C 12 26.40 -5.52 24.28
CA GLN C 12 26.17 -5.76 22.87
C GLN C 12 24.94 -5.02 22.40
N PHE C 13 24.85 -4.82 21.09
CA PHE C 13 23.69 -4.19 20.50
C PHE C 13 23.00 -5.18 19.57
N LEU C 14 22.00 -5.86 20.11
CA LEU C 14 21.21 -6.82 19.34
C LEU C 14 19.98 -6.07 18.78
N THR C 15 19.99 -5.82 17.47
CA THR C 15 18.90 -5.05 16.82
C THR C 15 17.52 -5.63 17.06
N THR C 16 17.49 -6.81 17.64
CA THR C 16 16.25 -7.51 17.84
C THR C 16 15.81 -7.51 19.32
N ASP C 17 16.65 -6.97 20.19
CA ASP C 17 16.36 -6.93 21.62
C ASP C 17 15.19 -5.99 21.93
N ASP C 18 14.47 -6.31 23.01
CA ASP C 18 13.30 -5.53 23.41
C ASP C 18 13.40 -5.11 24.88
N ARG C 19 14.10 -4.02 25.13
CA ARG C 19 14.31 -3.55 26.50
C ARG C 19 13.82 -2.10 26.66
N GLN C 20 13.84 -1.61 27.89
CA GLN C 20 13.44 -0.24 28.15
C GLN C 20 14.64 0.68 28.01
N SER C 21 14.36 1.96 27.78
CA SER C 21 15.43 2.94 27.67
C SER C 21 14.94 4.29 28.15
N PRO C 22 15.86 5.14 28.63
CA PRO C 22 15.47 6.47 29.11
C PRO C 22 14.90 7.35 28.01
N SER C 23 13.90 8.14 28.36
CA SER C 23 13.29 9.06 27.40
C SER C 23 14.11 10.33 27.27
N ALA C 24 14.36 10.74 26.03
CA ALA C 24 15.11 11.96 25.77
C ALA C 24 14.23 13.20 25.96
N LEU C 25 12.91 13.00 26.00
CA LEU C 25 11.96 14.11 26.16
C LEU C 25 11.06 13.85 27.35
N PRO C 26 11.54 14.11 28.56
CA PRO C 26 10.71 13.88 29.74
C PRO C 26 9.53 14.86 29.83
N ASN C 27 8.39 14.34 30.28
CA ASN C 27 7.19 15.15 30.49
C ASN C 27 6.49 15.59 29.22
N TYR C 28 6.99 15.15 28.08
CA TYR C 28 6.38 15.49 26.80
C TYR C 28 4.99 14.84 26.69
N GLU C 29 4.02 15.60 26.22
CA GLU C 29 2.65 15.09 26.08
C GLU C 29 2.29 14.94 24.60
N PRO C 30 2.25 13.69 24.10
CA PRO C 30 1.91 13.44 22.69
C PRO C 30 0.49 13.83 22.31
N THR C 31 0.31 14.20 21.04
CA THR C 31 -0.98 14.58 20.52
C THR C 31 -1.98 13.45 20.74
N PRO C 32 -3.21 13.79 21.15
CA PRO C 32 -4.25 12.78 21.38
C PRO C 32 -4.64 12.03 20.10
N ARG C 33 -5.06 10.77 20.26
CA ARG C 33 -5.48 9.94 19.14
C ARG C 33 -6.87 10.32 18.68
N ILE C 34 -7.09 10.36 17.38
CA ILE C 34 -8.42 10.57 16.85
C ILE C 34 -8.76 9.32 16.05
N HIS C 35 -10.02 9.11 15.76
CA HIS C 35 -10.39 7.93 15.00
C HIS C 35 -10.02 8.05 13.53
N ILE C 36 -9.17 7.13 13.07
CA ILE C 36 -8.79 7.07 11.66
C ILE C 36 -9.24 5.72 11.13
N PRO C 37 -9.96 5.70 10.00
CA PRO C 37 -10.42 4.41 9.45
C PRO C 37 -9.27 3.54 8.95
N GLY C 38 -9.54 2.23 8.83
CA GLY C 38 -8.56 1.31 8.27
C GLY C 38 -7.38 0.91 9.12
N LYS C 39 -7.61 0.63 10.40
CA LYS C 39 -6.51 0.23 11.29
C LYS C 39 -6.08 -1.21 11.00
N VAL C 40 -4.76 -1.42 10.95
CA VAL C 40 -4.20 -2.75 10.70
C VAL C 40 -3.46 -3.23 11.96
N HIS C 41 -3.75 -4.45 12.39
CA HIS C 41 -3.09 -5.00 13.56
C HIS C 41 -2.07 -6.08 13.20
N ASN C 42 -2.37 -6.83 12.15
CA ASN C 42 -1.53 -7.94 11.76
C ASN C 42 -1.42 -8.05 10.25
N LEU C 43 -0.24 -8.39 9.76
CA LEU C 43 -0.03 -8.55 8.32
C LEU C 43 -0.83 -9.72 7.75
N LEU C 44 -1.21 -10.65 8.61
CA LEU C 44 -2.00 -11.80 8.17
C LEU C 44 -3.41 -11.35 7.78
N GLU C 45 -3.81 -10.17 8.21
CA GLU C 45 -5.12 -9.63 7.85
C GLU C 45 -5.10 -9.19 6.41
N ILE C 46 -4.08 -8.41 6.03
CA ILE C 46 -4.02 -7.85 4.71
C ILE C 46 -3.70 -8.79 3.56
N ILE C 47 -3.04 -9.91 3.84
CA ILE C 47 -2.73 -10.86 2.76
C ILE C 47 -3.96 -11.70 2.39
N GLN C 48 -5.06 -11.48 3.10
CA GLN C 48 -6.29 -12.18 2.83
C GLN C 48 -7.08 -11.47 1.74
N VAL C 49 -6.63 -10.27 1.41
CA VAL C 49 -7.21 -9.47 0.34
C VAL C 49 -6.49 -9.89 -0.93
N ASP C 50 -7.23 -10.24 -1.97
CA ASP C 50 -6.59 -10.66 -3.21
C ASP C 50 -6.14 -9.54 -4.12
N THR C 51 -5.03 -9.77 -4.81
CA THR C 51 -4.48 -8.80 -5.76
C THR C 51 -4.21 -9.54 -7.08
N LEU C 52 -4.14 -8.78 -8.17
CA LEU C 52 -3.94 -9.38 -9.50
C LEU C 52 -2.59 -10.01 -9.68
N ILE C 53 -2.55 -11.15 -10.35
CA ILE C 53 -1.30 -11.85 -10.63
C ILE C 53 -0.83 -11.54 -12.05
N PRO C 54 0.45 -11.15 -12.21
CA PRO C 54 0.90 -10.87 -13.57
C PRO C 54 1.20 -12.21 -14.27
N MET C 55 0.16 -13.02 -14.43
CA MET C 55 0.28 -14.36 -15.00
C MET C 55 0.82 -14.39 -16.41
N ASN C 56 0.48 -13.38 -17.20
CA ASN C 56 0.92 -13.30 -18.58
C ASN C 56 2.24 -12.52 -18.70
N ASN C 57 3.22 -12.88 -17.90
CA ASN C 57 4.51 -12.20 -17.89
C ASN C 57 5.41 -12.68 -19.02
N THR C 58 4.99 -12.39 -20.24
CA THR C 58 5.73 -12.81 -21.43
C THR C 58 6.18 -11.60 -22.23
N HIS C 59 6.08 -10.43 -21.63
CA HIS C 59 6.42 -9.20 -22.34
C HIS C 59 7.81 -8.67 -22.05
N THR C 60 8.30 -7.86 -22.95
CA THR C 60 9.62 -7.31 -22.82
C THR C 60 9.68 -6.19 -21.75
N LYS C 61 8.54 -5.60 -21.46
CA LYS C 61 8.45 -4.56 -20.43
C LYS C 61 7.16 -4.77 -19.59
N ASP C 62 7.08 -4.11 -18.44
CA ASP C 62 5.89 -4.23 -17.58
C ASP C 62 4.70 -3.53 -18.22
N GLU C 63 3.59 -4.23 -18.32
CA GLU C 63 2.39 -3.63 -18.90
C GLU C 63 1.12 -4.23 -18.34
N VAL C 64 0.00 -3.57 -18.60
CA VAL C 64 -1.28 -4.05 -18.14
C VAL C 64 -1.54 -5.44 -18.71
N ASN C 65 -1.02 -5.66 -19.91
CA ASN C 65 -1.19 -6.93 -20.60
C ASN C 65 -0.63 -8.09 -19.82
N SER C 66 0.26 -7.79 -18.88
CA SER C 66 0.89 -8.82 -18.05
C SER C 66 -0.15 -9.52 -17.16
N TYR C 67 -1.25 -8.83 -16.89
CA TYR C 67 -2.30 -9.38 -16.04
C TYR C 67 -3.40 -10.09 -16.83
N LEU C 68 -3.37 -9.96 -18.14
CA LEU C 68 -4.43 -10.53 -18.96
C LEU C 68 -4.12 -11.91 -19.51
N ILE C 69 -4.86 -12.91 -19.04
CA ILE C 69 -4.71 -14.28 -19.53
C ILE C 69 -5.60 -14.46 -20.77
N PRO C 70 -4.99 -14.67 -21.95
CA PRO C 70 -5.75 -14.84 -23.20
C PRO C 70 -6.60 -16.11 -23.20
N LEU C 71 -7.77 -16.00 -23.81
CA LEU C 71 -8.68 -17.14 -23.96
C LEU C 71 -9.09 -17.17 -25.43
N ASN C 72 -8.78 -18.26 -26.12
CA ASN C 72 -9.10 -18.38 -27.54
C ASN C 72 -10.33 -19.22 -27.79
N ALA C 73 -11.14 -18.78 -28.74
CA ALA C 73 -12.39 -19.45 -29.06
C ALA C 73 -12.21 -20.72 -29.87
N ASN C 74 -13.11 -21.66 -29.64
CA ASN C 74 -13.14 -22.92 -30.37
C ASN C 74 -11.85 -23.73 -30.33
N ARG C 75 -11.42 -24.06 -29.12
CA ARG C 75 -10.26 -24.92 -28.90
C ARG C 75 -10.66 -25.92 -27.82
N GLN C 76 -10.35 -27.19 -28.01
CA GLN C 76 -10.84 -28.22 -27.12
C GLN C 76 -10.07 -28.57 -25.84
N ASN C 77 -9.02 -29.36 -25.94
CA ASN C 77 -8.33 -29.86 -24.76
C ASN C 77 -7.15 -29.00 -24.28
N GLU C 78 -6.71 -28.08 -25.14
CA GLU C 78 -5.54 -27.23 -24.87
C GLU C 78 -5.41 -26.58 -23.50
N GLN C 79 -4.19 -26.16 -23.19
CA GLN C 79 -3.87 -25.50 -21.93
C GLN C 79 -4.04 -23.99 -22.06
N VAL C 80 -4.58 -23.37 -21.02
CA VAL C 80 -4.76 -21.93 -21.00
C VAL C 80 -3.54 -21.26 -20.39
N PHE C 81 -3.07 -21.79 -19.27
CA PHE C 81 -1.89 -21.25 -18.62
C PHE C 81 -1.32 -22.27 -17.66
N GLY C 82 -0.13 -22.00 -17.16
CA GLY C 82 0.52 -22.92 -16.24
C GLY C 82 1.56 -22.17 -15.46
N THR C 83 1.90 -22.69 -14.28
CA THR C 83 2.88 -22.04 -13.44
C THR C 83 3.22 -22.91 -12.27
N ASN C 84 4.46 -22.82 -11.82
CA ASN C 84 4.87 -23.55 -10.63
C ASN C 84 4.42 -22.73 -9.43
N LEU C 85 4.45 -23.32 -8.25
CA LEU C 85 3.96 -22.64 -7.07
C LEU C 85 5.02 -22.16 -6.09
N PHE C 86 6.04 -21.49 -6.61
CA PHE C 86 7.06 -20.87 -5.78
C PHE C 86 6.53 -19.48 -5.45
N ILE C 87 5.83 -19.34 -4.33
CA ILE C 87 5.23 -18.06 -3.99
C ILE C 87 6.20 -16.91 -3.73
N GLY C 88 7.49 -17.22 -3.71
CA GLY C 88 8.48 -16.18 -3.50
C GLY C 88 9.15 -15.76 -4.81
N ASP C 89 8.64 -16.28 -5.91
CA ASP C 89 9.22 -15.99 -7.21
C ASP C 89 8.18 -16.05 -8.33
N GLY C 90 8.68 -16.00 -9.56
CA GLY C 90 7.82 -16.10 -10.72
C GLY C 90 6.76 -15.03 -10.79
N VAL C 91 5.54 -15.44 -11.11
CA VAL C 91 4.42 -14.51 -11.28
C VAL C 91 3.88 -13.96 -9.95
N PHE C 92 4.32 -14.55 -8.83
CA PHE C 92 3.82 -14.13 -7.51
C PHE C 92 4.72 -13.08 -6.82
N LYS C 93 5.98 -13.03 -7.23
CA LYS C 93 6.93 -12.15 -6.59
C LYS C 93 6.46 -10.70 -6.34
N THR C 94 5.71 -10.13 -7.28
CA THR C 94 5.29 -8.73 -7.13
C THR C 94 3.89 -8.51 -6.57
N THR C 95 3.15 -9.59 -6.35
CA THR C 95 1.81 -9.47 -5.77
C THR C 95 1.91 -9.13 -4.29
N LEU C 96 0.84 -8.62 -3.71
CA LEU C 96 0.83 -8.26 -2.30
C LEU C 96 1.24 -9.46 -1.44
N LEU C 97 0.67 -10.63 -1.75
CA LEU C 97 0.99 -11.85 -1.01
C LEU C 97 2.46 -12.17 -1.14
N GLY C 98 2.96 -12.19 -2.38
CA GLY C 98 4.36 -12.48 -2.62
C GLY C 98 5.29 -11.50 -1.93
N GLU C 99 4.89 -10.24 -1.89
CA GLU C 99 5.71 -9.20 -1.29
C GLU C 99 5.81 -9.36 0.22
N ILE C 100 4.70 -9.65 0.87
CA ILE C 100 4.70 -9.83 2.31
C ILE C 100 5.35 -11.16 2.70
N VAL C 101 5.15 -12.17 1.88
CA VAL C 101 5.74 -13.47 2.13
C VAL C 101 7.27 -13.39 2.10
N GLN C 102 7.78 -12.45 1.31
CA GLN C 102 9.24 -12.28 1.18
C GLN C 102 9.89 -11.62 2.39
N TYR C 103 9.08 -11.15 3.33
CA TYR C 103 9.60 -10.57 4.55
C TYR C 103 9.74 -11.66 5.61
N TYR C 104 9.31 -12.87 5.26
CA TYR C 104 9.38 -13.99 6.18
C TYR C 104 10.08 -15.20 5.55
N THR C 105 10.67 -16.04 6.39
CA THR C 105 11.43 -17.20 5.92
C THR C 105 10.61 -18.48 5.76
N HIS C 106 9.61 -18.68 6.62
CA HIS C 106 8.77 -19.87 6.56
C HIS C 106 7.32 -19.51 6.25
N TRP C 107 6.63 -20.40 5.57
CA TRP C 107 5.21 -20.20 5.31
C TRP C 107 4.46 -21.50 5.44
N SER C 108 3.16 -21.38 5.63
CA SER C 108 2.29 -22.55 5.76
C SER C 108 0.85 -22.11 5.56
N GLY C 109 0.00 -23.05 5.20
CA GLY C 109 -1.39 -22.73 5.01
C GLY C 109 -1.85 -22.87 3.58
N SER C 110 -3.12 -22.55 3.34
CA SER C 110 -3.71 -22.68 2.04
C SER C 110 -3.82 -21.35 1.29
N LEU C 111 -3.76 -21.42 -0.03
CA LEU C 111 -3.83 -20.24 -0.86
C LEU C 111 -5.18 -20.16 -1.55
N ARG C 112 -5.61 -18.97 -1.87
CA ARG C 112 -6.87 -18.75 -2.53
C ARG C 112 -6.57 -18.22 -3.93
N PHE C 113 -6.92 -19.00 -4.93
CA PHE C 113 -6.68 -18.60 -6.31
C PHE C 113 -8.00 -18.33 -7.02
N SER C 114 -8.17 -17.10 -7.46
CA SER C 114 -9.41 -16.69 -8.13
C SER C 114 -9.21 -16.35 -9.60
N LEU C 115 -10.27 -16.53 -10.37
CA LEU C 115 -10.25 -16.29 -11.80
C LEU C 115 -11.55 -15.56 -12.19
N MET C 116 -11.42 -14.41 -12.83
CA MET C 116 -12.60 -13.64 -13.26
C MET C 116 -12.69 -13.53 -14.80
N TYR C 117 -13.82 -13.91 -15.34
CA TYR C 117 -14.03 -13.86 -16.80
C TYR C 117 -14.46 -12.46 -17.21
N THR C 118 -13.90 -11.95 -18.31
CA THR C 118 -14.25 -10.61 -18.78
C THR C 118 -14.79 -10.53 -20.21
N GLY C 119 -15.13 -11.68 -20.77
CA GLY C 119 -15.69 -11.71 -22.12
C GLY C 119 -17.15 -11.28 -22.14
N PRO C 120 -17.79 -11.24 -23.32
CA PRO C 120 -19.19 -10.84 -23.49
C PRO C 120 -20.13 -11.66 -22.62
N ALA C 121 -21.26 -11.08 -22.26
CA ALA C 121 -22.24 -11.78 -21.44
C ALA C 121 -22.85 -12.95 -22.23
N LEU C 122 -22.94 -12.80 -23.54
CA LEU C 122 -23.53 -13.83 -24.40
C LEU C 122 -22.55 -14.95 -24.83
N SER C 123 -21.37 -14.98 -24.23
CA SER C 123 -20.43 -16.05 -24.53
C SER C 123 -20.47 -17.09 -23.42
N SER C 124 -19.87 -18.24 -23.66
CA SER C 124 -19.86 -19.31 -22.69
C SER C 124 -18.54 -20.08 -22.73
N ALA C 125 -18.25 -20.78 -21.65
CA ALA C 125 -17.04 -21.58 -21.57
C ALA C 125 -17.01 -22.41 -20.31
N LYS C 126 -16.24 -23.49 -20.36
CA LYS C 126 -16.03 -24.34 -19.20
C LYS C 126 -14.54 -24.63 -19.12
N LEU C 127 -13.95 -24.29 -18.00
CA LEU C 127 -12.51 -24.51 -17.81
C LEU C 127 -12.27 -25.41 -16.63
N ILE C 128 -11.13 -26.05 -16.63
CA ILE C 128 -10.76 -26.90 -15.51
C ILE C 128 -9.43 -26.41 -14.91
N LEU C 129 -9.52 -25.91 -13.67
CA LEU C 129 -8.34 -25.44 -12.93
C LEU C 129 -7.77 -26.61 -12.12
N ALA C 130 -6.47 -26.83 -12.22
CA ALA C 130 -5.85 -27.95 -11.53
C ALA C 130 -4.66 -27.57 -10.68
N TYR C 131 -4.61 -28.15 -9.49
CA TYR C 131 -3.47 -27.97 -8.59
C TYR C 131 -2.76 -29.33 -8.48
N THR C 132 -1.50 -29.37 -8.84
CA THR C 132 -0.74 -30.61 -8.81
C THR C 132 0.31 -30.61 -7.71
N PRO C 133 0.11 -31.43 -6.66
CA PRO C 133 1.07 -31.51 -5.56
C PRO C 133 2.43 -31.94 -6.10
N PRO C 134 3.51 -31.61 -5.38
CA PRO C 134 4.88 -31.97 -5.82
C PRO C 134 5.13 -33.49 -5.90
N GLY C 135 6.07 -33.88 -6.75
CA GLY C 135 6.40 -35.29 -6.91
C GLY C 135 6.35 -35.67 -8.38
N ALA C 136 5.26 -35.27 -9.01
CA ALA C 136 5.09 -35.46 -10.45
C ALA C 136 5.21 -34.08 -11.04
N ARG C 137 5.84 -33.98 -12.18
CA ARG C 137 6.05 -32.69 -12.82
C ARG C 137 4.73 -31.99 -13.18
N GLY C 138 4.82 -30.84 -13.83
CA GLY C 138 3.63 -30.14 -14.26
C GLY C 138 2.87 -30.96 -15.28
N PRO C 139 1.53 -30.95 -15.24
CA PRO C 139 0.71 -31.73 -16.17
C PRO C 139 0.96 -31.32 -17.62
N GLN C 140 1.09 -32.31 -18.50
CA GLN C 140 1.31 -32.03 -19.93
C GLN C 140 0.01 -32.05 -20.72
N ASP C 141 -1.02 -32.65 -20.15
CA ASP C 141 -2.35 -32.67 -20.79
C ASP C 141 -3.45 -32.64 -19.73
N ARG C 142 -4.68 -32.35 -20.15
CA ARG C 142 -5.82 -32.26 -19.24
C ARG C 142 -6.04 -33.55 -18.47
N ARG C 143 -5.79 -34.69 -19.11
CA ARG C 143 -5.97 -35.98 -18.45
C ARG C 143 -5.05 -36.11 -17.23
N GLU C 144 -3.83 -35.64 -17.39
CA GLU C 144 -2.86 -35.68 -16.32
C GLU C 144 -3.27 -34.75 -15.18
N ALA C 145 -3.72 -33.54 -15.54
CA ALA C 145 -4.13 -32.54 -14.56
C ALA C 145 -5.38 -32.95 -13.79
N MET C 146 -6.35 -33.48 -14.50
CA MET C 146 -7.60 -33.92 -13.92
C MET C 146 -7.41 -34.95 -12.77
N LEU C 147 -6.27 -35.63 -12.75
CA LEU C 147 -5.99 -36.64 -11.70
C LEU C 147 -5.65 -36.02 -10.33
N GLY C 148 -5.33 -34.73 -10.31
CA GLY C 148 -5.03 -34.07 -9.04
C GLY C 148 -6.18 -33.20 -8.56
N THR C 149 -5.91 -32.28 -7.64
CA THR C 149 -6.94 -31.38 -7.13
C THR C 149 -7.40 -30.44 -8.23
N HIS C 150 -8.69 -30.40 -8.47
CA HIS C 150 -9.21 -29.56 -9.53
C HIS C 150 -10.63 -29.08 -9.35
N VAL C 151 -10.98 -28.07 -10.13
CA VAL C 151 -12.30 -27.48 -10.13
C VAL C 151 -12.73 -27.28 -11.56
N VAL C 152 -13.93 -27.73 -11.90
CA VAL C 152 -14.47 -27.47 -13.23
C VAL C 152 -15.36 -26.24 -13.14
N TRP C 153 -14.96 -25.20 -13.84
CA TRP C 153 -15.64 -23.91 -13.77
C TRP C 153 -16.54 -23.65 -14.96
N ASP C 154 -17.80 -23.40 -14.68
CA ASP C 154 -18.77 -23.05 -15.72
C ASP C 154 -18.98 -21.54 -15.69
N ILE C 155 -18.57 -20.86 -16.74
CA ILE C 155 -18.73 -19.41 -16.83
C ILE C 155 -20.22 -19.03 -16.98
N GLY C 156 -20.70 -18.17 -16.09
CA GLY C 156 -22.11 -17.76 -16.13
C GLY C 156 -22.34 -16.41 -15.46
N LEU C 157 -23.52 -16.22 -14.88
CA LEU C 157 -23.87 -14.94 -14.22
C LEU C 157 -22.85 -14.54 -13.17
N GLN C 158 -22.35 -15.52 -12.43
CA GLN C 158 -21.31 -15.26 -11.46
C GLN C 158 -19.98 -15.37 -12.19
N SER C 159 -19.30 -14.25 -12.29
CA SER C 159 -18.08 -14.14 -13.11
C SER C 159 -16.80 -14.72 -12.54
N THR C 160 -16.77 -14.99 -11.25
CA THR C 160 -15.55 -15.43 -10.61
C THR C 160 -15.61 -16.81 -9.98
N ILE C 161 -14.55 -17.58 -10.18
CA ILE C 161 -14.42 -18.89 -9.54
C ILE C 161 -13.27 -18.78 -8.57
N VAL C 162 -13.45 -19.34 -7.39
CA VAL C 162 -12.43 -19.30 -6.36
C VAL C 162 -11.92 -20.68 -6.03
N MET C 163 -10.86 -21.09 -6.70
CA MET C 163 -10.24 -22.38 -6.41
C MET C 163 -9.29 -22.19 -5.23
N THR C 164 -9.18 -23.21 -4.42
CA THR C 164 -8.32 -23.17 -3.28
C THR C 164 -7.13 -24.11 -3.47
N ILE C 165 -5.96 -23.68 -3.03
CA ILE C 165 -4.77 -24.52 -3.09
C ILE C 165 -4.52 -25.00 -1.68
N PRO C 166 -5.13 -26.13 -1.30
CA PRO C 166 -5.02 -26.72 0.04
C PRO C 166 -3.61 -27.06 0.45
N TRP C 167 -3.30 -26.78 1.72
CA TRP C 167 -1.98 -27.10 2.25
C TRP C 167 -1.75 -28.60 2.15
N THR C 168 -0.93 -29.00 1.19
CA THR C 168 -0.61 -30.39 0.95
C THR C 168 0.87 -30.55 1.12
N SER C 169 1.30 -30.94 2.31
CA SER C 169 2.70 -31.06 2.60
C SER C 169 2.92 -32.00 3.75
N GLY C 170 4.10 -32.62 3.77
CA GLY C 170 4.43 -33.52 4.86
C GLY C 170 4.98 -32.69 6.01
N VAL C 171 6.08 -32.00 5.75
CA VAL C 171 6.65 -31.11 6.73
C VAL C 171 5.65 -29.97 6.93
N GLN C 172 5.41 -29.58 8.18
CA GLN C 172 4.37 -28.58 8.47
C GLN C 172 4.67 -27.13 8.07
N PHE C 173 5.87 -26.86 7.58
CA PHE C 173 6.22 -25.52 7.11
C PHE C 173 7.11 -25.61 5.90
N ARG C 174 7.05 -24.63 5.02
CA ARG C 174 7.91 -24.59 3.84
C ARG C 174 8.73 -23.32 3.81
N TYR C 175 9.80 -23.34 3.03
CA TYR C 175 10.65 -22.17 2.90
C TYR C 175 10.05 -21.21 1.90
N THR C 176 10.16 -19.94 2.21
CA THR C 176 9.70 -18.89 1.33
C THR C 176 10.70 -18.72 0.17
N ASP C 177 11.94 -19.11 0.43
CA ASP C 177 13.03 -19.01 -0.53
C ASP C 177 12.73 -19.77 -1.81
N PRO C 178 12.81 -19.09 -2.96
CA PRO C 178 12.55 -19.74 -4.26
C PRO C 178 13.71 -20.63 -4.73
N ASP C 179 14.91 -20.38 -4.19
CA ASP C 179 16.09 -21.18 -4.55
C ASP C 179 16.09 -22.53 -3.84
N THR C 180 14.90 -23.06 -3.59
CA THR C 180 14.75 -24.35 -2.94
C THR C 180 14.43 -25.41 -4.00
N TYR C 181 14.58 -26.68 -3.64
CA TYR C 181 14.35 -27.78 -4.57
C TYR C 181 12.90 -27.95 -5.03
N THR C 182 11.97 -27.83 -4.10
CA THR C 182 10.55 -28.05 -4.40
C THR C 182 9.62 -27.01 -3.77
N SER C 183 8.48 -26.78 -4.40
CA SER C 183 7.49 -25.83 -3.90
C SER C 183 6.18 -26.52 -3.56
N ALA C 184 5.09 -25.75 -3.56
CA ALA C 184 3.78 -26.30 -3.28
C ALA C 184 3.30 -27.20 -4.42
N GLY C 185 3.91 -27.04 -5.60
CA GLY C 185 3.51 -27.85 -6.74
C GLY C 185 3.28 -27.05 -8.01
N PHE C 186 2.23 -27.41 -8.74
CA PHE C 186 1.93 -26.74 -10.00
C PHE C 186 0.47 -26.34 -10.11
N LEU C 187 0.23 -25.32 -10.91
CA LEU C 187 -1.12 -24.82 -11.17
C LEU C 187 -1.30 -24.71 -12.67
N SER C 188 -2.44 -25.14 -13.16
CA SER C 188 -2.70 -25.12 -14.60
C SER C 188 -4.18 -24.98 -14.91
N CYS C 189 -4.48 -24.49 -16.10
CA CYS C 189 -5.87 -24.31 -16.53
C CYS C 189 -6.05 -24.88 -17.93
N TRP C 190 -7.14 -25.60 -18.13
CA TRP C 190 -7.41 -26.24 -19.42
C TRP C 190 -8.81 -25.98 -19.90
N TYR C 191 -9.02 -26.05 -21.20
CA TYR C 191 -10.35 -25.93 -21.76
C TYR C 191 -11.08 -27.25 -21.47
N GLN C 192 -12.09 -27.19 -20.62
CA GLN C 192 -12.88 -28.38 -20.32
C GLN C 192 -13.81 -28.66 -21.47
N THR C 193 -14.36 -27.58 -22.02
CA THR C 193 -15.23 -27.65 -23.18
C THR C 193 -14.60 -26.79 -24.27
N SER C 194 -14.89 -25.50 -24.23
CA SER C 194 -14.30 -24.54 -25.16
C SER C 194 -15.01 -23.21 -25.02
N LEU C 195 -14.36 -22.16 -25.47
CA LEU C 195 -14.94 -20.84 -25.44
C LEU C 195 -15.77 -20.64 -26.70
N ILE C 196 -17.05 -20.34 -26.52
CA ILE C 196 -17.95 -20.08 -27.64
C ILE C 196 -18.39 -18.61 -27.62
N LEU C 197 -17.95 -17.87 -28.63
CA LEU C 197 -18.32 -16.45 -28.73
C LEU C 197 -19.63 -16.28 -29.50
N PRO C 198 -20.47 -15.32 -29.10
CA PRO C 198 -21.73 -15.07 -29.79
C PRO C 198 -21.46 -14.42 -31.13
N PRO C 199 -22.46 -14.38 -32.02
CA PRO C 199 -22.30 -13.77 -33.32
C PRO C 199 -21.96 -12.29 -33.19
N GLU C 200 -21.27 -11.75 -34.20
CA GLU C 200 -20.88 -10.33 -34.22
C GLU C 200 -19.77 -9.98 -33.22
N THR C 201 -19.15 -11.02 -32.66
CA THR C 201 -18.05 -10.85 -31.70
C THR C 201 -16.88 -11.66 -32.20
N THR C 202 -15.68 -11.13 -32.05
CA THR C 202 -14.50 -11.83 -32.53
C THR C 202 -13.25 -11.47 -31.72
N GLY C 203 -12.21 -12.29 -31.86
CA GLY C 203 -10.96 -12.03 -31.16
C GLY C 203 -10.83 -12.73 -29.82
N GLN C 204 -9.89 -12.26 -29.00
CA GLN C 204 -9.63 -12.88 -27.71
C GLN C 204 -10.38 -12.21 -26.58
N VAL C 205 -10.73 -13.02 -25.60
CA VAL C 205 -11.31 -12.53 -24.38
C VAL C 205 -10.26 -12.81 -23.30
N TYR C 206 -10.43 -12.24 -22.13
CA TYR C 206 -9.41 -12.37 -21.10
C TYR C 206 -9.91 -12.81 -19.75
N LEU C 207 -9.02 -13.43 -19.01
CA LEU C 207 -9.28 -13.82 -17.64
C LEU C 207 -8.37 -12.97 -16.76
N LEU C 208 -8.84 -12.62 -15.58
CA LEU C 208 -8.02 -11.93 -14.60
C LEU C 208 -7.82 -12.92 -13.45
N SER C 209 -6.58 -13.07 -12.99
CA SER C 209 -6.30 -13.99 -11.89
C SER C 209 -5.92 -13.24 -10.61
N PHE C 210 -6.38 -13.77 -9.48
CA PHE C 210 -6.13 -13.17 -8.19
C PHE C 210 -5.50 -14.17 -7.25
N ILE C 211 -4.81 -13.67 -6.24
CA ILE C 211 -4.18 -14.52 -5.25
C ILE C 211 -4.33 -13.91 -3.86
N SER C 212 -4.62 -14.74 -2.87
CA SER C 212 -4.72 -14.30 -1.48
C SER C 212 -4.53 -15.50 -0.54
N ALA C 213 -4.42 -15.23 0.75
CA ALA C 213 -4.22 -16.30 1.72
C ALA C 213 -5.51 -16.65 2.45
N CYS C 214 -5.66 -17.92 2.79
CA CYS C 214 -6.83 -18.35 3.57
C CYS C 214 -6.57 -18.02 5.03
N PRO C 215 -7.59 -18.11 5.88
CA PRO C 215 -7.43 -17.81 7.30
C PRO C 215 -6.43 -18.74 8.03
N ASP C 216 -6.06 -19.85 7.41
CA ASP C 216 -5.14 -20.79 8.03
C ASP C 216 -3.66 -20.46 7.77
N PHE C 217 -3.40 -19.40 7.01
CA PHE C 217 -2.04 -19.02 6.63
C PHE C 217 -1.13 -18.69 7.80
N LYS C 218 0.14 -19.10 7.71
CA LYS C 218 1.13 -18.83 8.75
C LYS C 218 2.42 -18.28 8.12
N LEU C 219 3.11 -17.41 8.83
CA LEU C 219 4.35 -16.77 8.36
C LEU C 219 5.33 -16.67 9.53
N ARG C 220 6.56 -17.15 9.35
CA ARG C 220 7.57 -17.13 10.45
C ARG C 220 8.92 -16.59 10.04
N LEU C 221 9.71 -16.18 11.05
CA LEU C 221 11.10 -15.72 10.87
C LEU C 221 11.27 -14.56 9.89
N MET C 222 11.15 -13.36 10.41
CA MET C 222 11.29 -12.15 9.64
C MET C 222 12.68 -12.05 9.02
N LYS C 223 12.73 -11.60 7.77
CA LYS C 223 13.99 -11.45 7.06
C LYS C 223 13.89 -10.27 6.08
N ASP C 224 15.02 -9.79 5.59
CA ASP C 224 15.03 -8.73 4.62
C ASP C 224 14.65 -9.26 3.24
N THR C 225 13.94 -8.46 2.47
CA THR C 225 13.47 -8.86 1.14
C THR C 225 14.49 -8.49 0.06
N GLN C 226 14.52 -9.27 -1.02
CA GLN C 226 15.43 -8.96 -2.12
C GLN C 226 14.75 -8.21 -3.24
N THR C 227 13.70 -7.46 -2.90
CA THR C 227 12.96 -6.69 -3.89
C THR C 227 13.29 -5.19 -3.83
N ILE C 228 14.17 -4.81 -2.93
CA ILE C 228 14.56 -3.41 -2.80
C ILE C 228 16.05 -3.29 -2.47
N SER C 229 16.70 -2.30 -3.07
CA SER C 229 18.12 -2.09 -2.86
C SER C 229 18.53 -0.68 -3.21
N GLN C 230 19.77 -0.33 -2.87
CA GLN C 230 20.32 1.00 -3.21
C GLN C 230 21.83 0.94 -3.21
N THR C 231 22.46 1.85 -3.96
CA THR C 231 23.92 1.89 -4.01
C THR C 231 24.49 3.07 -3.23
N VAL C 232 23.68 4.11 -3.06
CA VAL C 232 24.08 5.28 -2.28
C VAL C 232 22.87 5.75 -1.48
N ALA C 233 23.13 6.39 -0.34
CA ALA C 233 22.04 6.93 0.47
C ALA C 233 21.33 8.04 -0.33
N LEU C 234 20.01 8.10 -0.20
CA LEU C 234 19.20 9.10 -0.93
C LEU C 234 19.28 10.46 -0.24
N THR C 235 19.22 11.53 -1.04
CA THR C 235 19.26 12.87 -0.50
C THR C 235 18.01 13.67 -0.86
N GLU C 236 17.86 14.85 -0.26
CA GLU C 236 16.70 15.70 -0.51
C GLU C 236 16.68 16.21 -1.93
N ILE D 29 9.63 -3.70 37.78
CA ILE D 29 8.17 -3.43 37.71
C ILE D 29 7.89 -1.96 37.33
N ASN D 30 8.40 -1.03 38.12
CA ASN D 30 8.17 0.40 37.88
C ASN D 30 9.41 1.26 38.22
N TYR D 31 10.15 1.66 37.19
CA TYR D 31 11.32 2.54 37.38
C TYR D 31 11.45 3.62 36.30
N TYR D 32 10.38 3.83 35.53
CA TYR D 32 10.36 4.85 34.48
C TYR D 32 9.09 5.71 34.53
N LYS D 33 9.27 7.02 34.48
CA LYS D 33 8.13 7.96 34.58
C LYS D 33 7.35 8.15 33.26
N ASP D 34 8.06 8.04 32.14
CA ASP D 34 7.43 8.22 30.82
C ASP D 34 7.06 6.87 30.19
N ALA D 35 5.89 6.81 29.57
CA ALA D 35 5.41 5.57 28.94
C ALA D 35 6.20 5.21 27.69
N ALA D 36 6.85 6.19 27.08
CA ALA D 36 7.63 5.96 25.87
C ALA D 36 8.86 5.10 26.16
N SER D 37 9.23 5.01 27.44
CA SER D 37 10.42 4.26 27.85
C SER D 37 10.20 2.75 27.91
N THR D 38 8.96 2.33 28.08
CA THR D 38 8.64 0.91 28.18
C THR D 38 8.94 0.12 26.90
N SER D 39 9.02 -1.20 27.03
CA SER D 39 9.28 -2.08 25.90
C SER D 39 8.04 -2.29 25.02
N SER D 40 8.10 -3.28 24.13
CA SER D 40 7.01 -3.58 23.19
C SER D 40 5.64 -3.78 23.85
N ALA D 41 4.59 -3.53 23.08
CA ALA D 41 3.22 -3.62 23.56
C ALA D 41 2.65 -5.05 23.60
N GLY D 42 3.12 -5.91 22.72
CA GLY D 42 2.60 -7.27 22.68
C GLY D 42 1.49 -7.41 21.64
N GLN D 43 1.10 -8.66 21.34
CA GLN D 43 0.10 -8.94 20.31
C GLN D 43 -1.29 -8.36 20.59
N SER D 44 -2.00 -8.00 19.53
CA SER D 44 -3.33 -7.40 19.64
C SER D 44 -4.42 -8.45 19.91
N LEU D 45 -4.31 -9.60 19.26
CA LEU D 45 -5.28 -10.68 19.44
C LEU D 45 -6.68 -10.39 18.86
N SER D 46 -6.90 -9.15 18.43
CA SER D 46 -8.20 -8.75 17.85
C SER D 46 -8.10 -8.49 16.35
N MET D 47 -7.45 -9.39 15.63
CA MET D 47 -7.25 -9.23 14.19
C MET D 47 -8.46 -9.67 13.34
N ASP D 48 -9.18 -8.68 12.79
CA ASP D 48 -10.33 -8.95 11.92
C ASP D 48 -10.12 -8.31 10.55
N PRO D 49 -9.93 -9.14 9.52
CA PRO D 49 -9.69 -8.66 8.15
C PRO D 49 -10.95 -8.11 7.44
N SER D 50 -12.11 -8.25 8.07
CA SER D 50 -13.39 -7.85 7.47
C SER D 50 -13.40 -6.49 6.80
N LYS D 51 -12.87 -5.48 7.47
CA LYS D 51 -12.86 -4.13 6.92
C LYS D 51 -12.05 -4.00 5.62
N PHE D 52 -11.26 -5.02 5.31
CA PHE D 52 -10.47 -5.00 4.08
C PHE D 52 -11.01 -6.01 3.07
N THR D 53 -11.37 -7.18 3.56
CA THR D 53 -11.84 -8.25 2.68
C THR D 53 -13.32 -8.14 2.28
N GLU D 54 -14.15 -7.61 3.18
CA GLU D 54 -15.58 -7.50 2.90
C GLU D 54 -16.15 -6.12 3.27
N PRO D 55 -15.59 -5.05 2.69
CA PRO D 55 -16.09 -3.70 3.00
C PRO D 55 -17.34 -3.34 2.17
N VAL D 56 -18.24 -4.30 2.00
CA VAL D 56 -19.44 -4.07 1.20
C VAL D 56 -20.62 -3.61 2.05
N LYS D 57 -21.50 -2.83 1.44
CA LYS D 57 -22.66 -2.30 2.12
C LYS D 57 -23.68 -3.39 2.45
N ASP D 58 -24.08 -4.14 1.45
CA ASP D 58 -25.05 -5.23 1.64
C ASP D 58 -24.32 -6.52 2.02
N LEU D 59 -24.81 -7.18 3.06
CA LEU D 59 -24.20 -8.42 3.57
C LEU D 59 -24.06 -9.49 2.49
N MET D 60 -22.83 -9.93 2.26
CA MET D 60 -22.57 -11.00 1.28
C MET D 60 -22.25 -12.29 2.01
N LEU D 61 -23.14 -13.26 1.89
CA LEU D 61 -22.96 -14.55 2.54
C LEU D 61 -22.23 -15.53 1.62
N LYS D 62 -21.31 -16.29 2.19
CA LYS D 62 -20.60 -17.31 1.43
C LYS D 62 -21.60 -18.45 1.17
N GLY D 63 -21.76 -18.83 -0.09
CA GLY D 63 -22.70 -19.87 -0.41
C GLY D 63 -23.91 -19.32 -1.13
N ALA D 64 -24.31 -18.12 -0.76
CA ALA D 64 -25.42 -17.45 -1.42
C ALA D 64 -24.89 -16.82 -2.71
N PRO D 65 -25.77 -16.63 -3.70
CA PRO D 65 -25.33 -16.01 -4.97
C PRO D 65 -24.84 -14.58 -4.72
N ALA D 66 -23.65 -14.26 -5.24
CA ALA D 66 -23.03 -12.95 -5.03
C ALA D 66 -23.98 -11.80 -5.33
N LEU D 67 -24.60 -11.85 -6.50
CA LEU D 67 -25.57 -10.84 -6.90
C LEU D 67 -26.87 -11.54 -7.28
N ASN D 68 -27.95 -11.20 -6.59
CA ASN D 68 -29.25 -11.82 -6.88
C ASN D 68 -29.77 -11.41 -8.26
C1 SPH E . 7.57 7.91 6.68
O1 SPH E . 8.71 7.72 5.99
C2 SPH E . 7.68 7.67 8.19
N2 SPH E . 6.41 7.26 8.73
C3 SPH E . 8.12 8.93 8.86
O3 SPH E . 9.30 9.41 8.28
C4 SPH E . 8.36 8.77 10.34
C5 SPH E . 8.52 10.10 11.04
C6 SPH E . 9.09 9.96 12.45
C7 SPH E . 10.53 10.38 12.55
C8 SPH E . 11.16 10.01 13.90
C9 SPH E . 11.01 11.10 14.95
C10 SPH E . 12.13 11.09 15.98
C11 SPH E . 12.58 12.50 16.38
C12 SPH E . 13.92 12.51 17.13
C13 SPH E . 14.07 13.69 18.11
C14 SPH E . 14.69 13.29 19.50
C15 SPH E . 16.25 13.36 19.52
C16 SPH E . 16.85 13.31 20.97
C17 SPH E . 18.41 13.43 20.99
C18 SPH E . 19.04 13.11 22.37
#